data_8BSO
#
_entry.id   8BSO
#
_cell.length_a   117.688
_cell.length_b   130.251
_cell.length_c   77.693
_cell.angle_alpha   90.000
_cell.angle_beta   123.770
_cell.angle_gamma   90.000
#
_symmetry.space_group_name_H-M   'C 1 2 1'
#
loop_
_entity.id
_entity.type
_entity.pdbx_description
1 polymer 'BAR-1 Fab heavy chain'
2 polymer 'BAR-1 Fab light chain'
3 branched 'N-acetyl-alpha-neuraminic acid-(2-3)-beta-D-galactopyranose-(1-4)-beta-D-glucopyranose'
4 non-polymer GLYCEROL
5 non-polymer (2~{S})-2-acetamido-6-(2-sulfanylethanimidoylamino)hexanamide
6 water water
#
loop_
_entity_poly.entity_id
_entity_poly.type
_entity_poly.pdbx_seq_one_letter_code
_entity_poly.pdbx_strand_id
1 'polypeptide(L)'
;TGVHSQVQLKQSGPGLVAPSQSLSITCTVSGFSLTSFGVHWVRQPPGKGLEWLGVIWAVGSTNYNSALMSRLSISKDNSK
SQVFLKMNSLQIDDTAMYYCATYGNYGGFAYWGQGTLVTVSSASTKGPSVFPLAPSSKSTSGGTAALGCLVKDYFPEPVT
VSWNSGALTSGVHTFPAVLQSSGLYSLSSVVTVPSSSLGTQTYICNVNHKPSNTKVDKKVEPKSCDK
;
H,C
2 'polypeptide(L)'
;TGVHSDIQMTQSPKSMSMSVGERVTLSCKASENVHTYVSWYQQKPEQSPKLLIYGASNRYTGVPDRFTGSGSATDFTLTI
SSVQAEDLADYHCGQTYTYPFTFGSGTKLELKRTVAAPSVFIFPPSDEQLKSGTASVVCLLNNFYPREAKVQWKVDNALQ
SGNSQESVTEQDSKDSTYSLSSTLTLSKADYEKHKVYACEVTHQGLSSPVTKSFNRGEC
;
L,D
#
loop_
_chem_comp.id
_chem_comp.type
_chem_comp.name
_chem_comp.formula
BGC D-saccharide, beta linking beta-D-glucopyranose 'C6 H12 O6'
GAL D-saccharide, beta linking beta-D-galactopyranose 'C6 H12 O6'
GOL non-polymer GLYCEROL 'C3 H8 O3'
SIA D-saccharide, alpha linking 'N-acetyl-alpha-neuraminic acid' 'C11 H19 N O9'
SL9 non-polymer (2~{S})-2-acetamido-6-(2-sulfanylethanimidoylamino)hexanamide 'C10 H20 N4 O2 S'
#
# COMPACT_ATOMS: atom_id res chain seq x y z
N VAL A 7 8.40 32.47 11.69
CA VAL A 7 7.57 32.13 12.84
C VAL A 7 8.30 31.10 13.73
N GLN A 8 8.23 31.32 15.05
CA GLN A 8 8.83 30.41 16.00
C GLN A 8 8.05 30.46 17.31
N LEU A 9 7.96 29.30 17.97
CA LEU A 9 7.38 29.19 19.30
C LEU A 9 8.37 28.41 20.15
N LYS A 10 8.88 29.02 21.23
CA LYS A 10 9.85 28.38 22.10
C LYS A 10 9.31 28.30 23.51
N GLN A 11 9.41 27.11 24.12
CA GLN A 11 8.77 26.84 25.40
C GLN A 11 9.81 26.71 26.51
N SER A 12 9.36 26.98 27.73
CA SER A 12 10.16 26.74 28.91
C SER A 12 10.40 25.23 29.08
N GLY A 13 11.25 24.89 30.05
CA GLY A 13 11.83 23.57 30.15
C GLY A 13 11.03 22.53 30.90
N PRO A 14 11.45 21.27 30.79
CA PRO A 14 10.71 20.18 31.44
C PRO A 14 10.89 20.22 32.94
N GLY A 15 9.95 19.60 33.66
CA GLY A 15 10.13 19.51 35.09
C GLY A 15 9.02 18.74 35.75
N LEU A 16 9.11 18.70 37.07
CA LEU A 16 8.33 17.84 37.94
C LEU A 16 7.45 18.68 38.84
N VAL A 17 6.20 18.28 39.00
N VAL A 17 6.21 18.26 39.04
CA VAL A 17 5.29 18.93 39.94
CA VAL A 17 5.31 18.97 39.95
C VAL A 17 4.53 17.86 40.71
C VAL A 17 4.45 17.95 40.68
N ALA A 18 4.24 18.17 41.98
CA ALA A 18 3.55 17.21 42.82
C ALA A 18 2.04 17.25 42.55
N PRO A 19 1.34 16.14 42.78
CA PRO A 19 -0.12 16.14 42.58
C PRO A 19 -0.79 17.16 43.49
N SER A 20 -1.94 17.66 43.02
N SER A 20 -1.94 17.66 43.02
CA SER A 20 -2.75 18.67 43.69
CA SER A 20 -2.75 18.67 43.70
C SER A 20 -2.09 20.05 43.66
C SER A 20 -2.09 20.04 43.65
N GLN A 21 -0.84 20.11 43.19
CA GLN A 21 -0.15 21.39 43.00
C GLN A 21 -0.51 21.95 41.62
N SER A 22 0.26 22.91 41.11
CA SER A 22 -0.09 23.52 39.84
C SER A 22 1.12 23.65 38.93
N LEU A 23 0.88 23.54 37.62
CA LEU A 23 1.93 23.77 36.63
C LEU A 23 1.79 25.14 35.96
N SER A 24 2.92 25.65 35.47
CA SER A 24 2.96 26.87 34.68
C SER A 24 3.99 26.70 33.57
N ILE A 25 3.60 26.95 32.33
CA ILE A 25 4.50 26.84 31.18
C ILE A 25 4.46 28.15 30.41
N THR A 26 5.61 28.60 29.91
CA THR A 26 5.71 29.82 29.12
C THR A 26 6.01 29.47 27.68
N CYS A 27 5.30 30.11 26.75
CA CYS A 27 5.53 29.96 25.31
C CYS A 27 5.89 31.34 24.78
N THR A 28 7.11 31.50 24.26
CA THR A 28 7.56 32.78 23.74
C THR A 28 7.55 32.72 22.22
N VAL A 29 6.85 33.67 21.58
CA VAL A 29 6.65 33.61 20.14
C VAL A 29 7.48 34.68 19.46
N SER A 30 7.93 34.38 18.24
CA SER A 30 8.66 35.34 17.41
C SER A 30 8.23 35.17 15.96
N GLY A 31 8.39 36.25 15.19
CA GLY A 31 8.04 36.20 13.77
C GLY A 31 6.58 36.44 13.49
N PHE A 32 5.76 36.58 14.52
CA PHE A 32 4.40 37.07 14.39
C PHE A 32 4.06 37.75 15.70
N SER A 33 2.98 38.52 15.68
CA SER A 33 2.51 39.24 16.86
C SER A 33 1.27 38.56 17.45
N LEU A 34 1.22 38.51 18.78
CA LEU A 34 0.08 37.93 19.46
C LEU A 34 -1.19 38.76 19.28
N THR A 35 -1.10 40.01 18.83
CA THR A 35 -2.34 40.74 18.57
C THR A 35 -2.93 40.40 17.20
N SER A 36 -2.27 39.51 16.43
CA SER A 36 -2.78 39.03 15.15
C SER A 36 -3.10 37.54 15.07
N PHE A 37 -2.52 36.69 15.93
CA PHE A 37 -2.77 35.24 15.84
C PHE A 37 -3.04 34.64 17.20
N GLY A 38 -4.00 33.71 17.25
CA GLY A 38 -4.28 32.98 18.47
C GLY A 38 -3.28 31.86 18.69
N VAL A 39 -3.02 31.57 19.96
CA VAL A 39 -2.09 30.52 20.36
C VAL A 39 -2.84 29.48 21.17
N HIS A 40 -2.66 28.21 20.82
CA HIS A 40 -3.33 27.11 21.51
C HIS A 40 -2.34 26.31 22.36
N TRP A 41 -2.88 25.52 23.28
CA TRP A 41 -2.07 24.54 24.01
C TRP A 41 -2.66 23.17 23.75
N VAL A 42 -1.79 22.21 23.44
CA VAL A 42 -2.16 20.83 23.15
C VAL A 42 -1.20 19.95 23.93
N ARG A 43 -1.69 18.83 24.49
CA ARG A 43 -0.79 17.92 25.20
C ARG A 43 -0.91 16.49 24.67
N GLN A 44 0.16 15.74 24.87
CA GLN A 44 0.24 14.34 24.49
C GLN A 44 0.64 13.50 25.70
N PRO A 45 -0.30 12.81 26.34
CA PRO A 45 0.04 11.93 27.47
C PRO A 45 0.85 10.72 27.00
N PRO A 46 1.58 10.08 27.92
CA PRO A 46 2.40 8.92 27.52
C PRO A 46 1.57 7.88 26.79
N GLY A 47 2.07 7.47 25.63
CA GLY A 47 1.40 6.45 24.84
C GLY A 47 -0.04 6.77 24.53
N LYS A 48 -0.34 8.04 24.28
CA LYS A 48 -1.69 8.42 23.89
C LYS A 48 -1.60 9.45 22.77
N GLY A 49 -2.78 9.79 22.24
CA GLY A 49 -2.86 10.79 21.20
C GLY A 49 -2.91 12.20 21.75
N LEU A 50 -3.01 13.15 20.83
CA LEU A 50 -3.03 14.55 21.20
C LEU A 50 -4.37 14.94 21.83
N GLU A 51 -4.32 15.95 22.69
CA GLU A 51 -5.48 16.45 23.40
C GLU A 51 -5.44 17.97 23.38
N TRP A 52 -6.48 18.60 22.85
CA TRP A 52 -6.51 20.05 22.79
C TRP A 52 -6.95 20.60 24.12
N LEU A 53 -6.20 21.57 24.64
CA LEU A 53 -6.48 22.14 25.95
C LEU A 53 -7.22 23.46 25.91
N GLY A 54 -6.85 24.35 24.99
CA GLY A 54 -7.48 25.66 24.97
C GLY A 54 -6.69 26.59 24.08
N VAL A 55 -7.19 27.82 23.99
CA VAL A 55 -6.62 28.81 23.09
C VAL A 55 -6.89 30.20 23.66
N ILE A 56 -5.93 31.10 23.46
CA ILE A 56 -6.14 32.53 23.67
C ILE A 56 -6.03 33.23 22.31
N TRP A 57 -7.14 33.80 21.87
CA TRP A 57 -7.21 34.41 20.55
C TRP A 57 -6.49 35.75 20.54
N ALA A 58 -6.23 36.25 19.34
CA ALA A 58 -5.54 37.53 19.21
C ALA A 58 -6.28 38.62 19.96
N VAL A 59 -7.61 38.63 19.85
CA VAL A 59 -8.44 39.62 20.52
C VAL A 59 -8.43 39.44 22.03
N GLY A 60 -7.94 38.31 22.54
CA GLY A 60 -7.74 38.16 23.97
C GLY A 60 -8.76 37.31 24.69
N SER A 61 -9.86 36.93 24.03
CA SER A 61 -10.79 35.97 24.59
C SER A 61 -10.18 34.57 24.59
N THR A 62 -10.72 33.68 25.43
CA THR A 62 -10.20 32.34 25.56
C THR A 62 -11.32 31.33 25.39
N ASN A 63 -10.94 30.14 24.94
CA ASN A 63 -11.84 28.99 24.90
C ASN A 63 -11.07 27.81 25.46
N TYR A 64 -11.77 26.92 26.17
CA TYR A 64 -11.14 25.85 26.92
C TYR A 64 -11.80 24.51 26.62
N ASN A 65 -11.02 23.44 26.74
CA ASN A 65 -11.60 22.10 26.71
C ASN A 65 -12.49 21.93 27.93
N SER A 66 -13.79 21.71 27.69
CA SER A 66 -14.76 21.70 28.78
C SER A 66 -14.48 20.62 29.81
N ALA A 67 -13.77 19.56 29.43
CA ALA A 67 -13.42 18.51 30.37
C ALA A 67 -12.36 18.96 31.37
N LEU A 68 -11.73 20.10 31.16
CA LEU A 68 -10.63 20.55 32.01
C LEU A 68 -10.73 22.01 32.43
N MET A 69 -11.75 22.76 31.98
CA MET A 69 -11.72 24.22 32.10
C MET A 69 -11.75 24.72 33.53
N SER A 70 -12.23 23.91 34.48
CA SER A 70 -12.23 24.30 35.89
C SER A 70 -10.81 24.41 36.46
N ARG A 71 -9.82 23.80 35.81
CA ARG A 71 -8.46 23.75 36.33
C ARG A 71 -7.45 24.42 35.42
N LEU A 72 -7.90 25.06 34.36
CA LEU A 72 -7.00 25.53 33.33
C LEU A 72 -7.13 27.04 33.19
N SER A 73 -6.02 27.72 32.90
CA SER A 73 -6.01 29.15 32.64
C SER A 73 -4.97 29.43 31.58
N ILE A 74 -5.35 30.21 30.57
CA ILE A 74 -4.42 30.59 29.53
C ILE A 74 -4.42 32.11 29.45
N SER A 75 -3.23 32.70 29.51
CA SER A 75 -3.11 34.15 29.52
C SER A 75 -1.92 34.53 28.66
N LYS A 76 -1.79 35.82 28.38
CA LYS A 76 -0.71 36.27 27.51
C LYS A 76 -0.27 37.67 27.88
N ASP A 77 0.90 38.04 27.38
CA ASP A 77 1.42 39.41 27.46
C ASP A 77 1.81 39.78 26.05
N ASN A 78 1.00 40.62 25.41
CA ASN A 78 1.23 40.96 24.01
C ASN A 78 2.59 41.61 23.82
N SER A 79 2.92 42.60 24.65
CA SER A 79 4.17 43.34 24.47
C SER A 79 5.39 42.45 24.66
N LYS A 80 5.27 41.38 25.46
CA LYS A 80 6.42 40.49 25.65
C LYS A 80 6.38 39.29 24.71
N SER A 81 5.34 39.15 23.89
CA SER A 81 5.20 37.99 22.99
C SER A 81 5.25 36.68 23.75
N GLN A 82 4.59 36.62 24.91
CA GLN A 82 4.56 35.42 25.72
C GLN A 82 3.14 34.97 25.97
N VAL A 83 2.92 33.65 25.95
CA VAL A 83 1.65 33.03 26.29
C VAL A 83 1.91 32.11 27.47
N PHE A 84 0.99 32.07 28.43
CA PHE A 84 1.19 31.27 29.64
C PHE A 84 0.08 30.24 29.80
N LEU A 85 0.47 28.99 30.07
CA LEU A 85 -0.48 27.97 30.47
C LEU A 85 -0.32 27.71 31.95
N LYS A 86 -1.45 27.71 32.68
CA LYS A 86 -1.45 27.36 34.09
C LYS A 86 -2.56 26.36 34.35
N MET A 87 -2.23 25.33 35.13
CA MET A 87 -3.17 24.26 35.47
C MET A 87 -2.96 23.86 36.91
N ASN A 88 -4.05 23.77 37.70
CA ASN A 88 -3.95 23.41 39.11
C ASN A 88 -4.72 22.12 39.40
N SER A 89 -4.76 21.75 40.69
CA SER A 89 -5.32 20.46 41.12
C SER A 89 -4.86 19.33 40.21
N LEU A 90 -3.54 19.23 40.05
CA LEU A 90 -2.98 18.29 39.10
C LEU A 90 -3.14 16.86 39.59
N GLN A 91 -3.36 15.97 38.64
CA GLN A 91 -3.40 14.54 38.88
C GLN A 91 -2.21 13.89 38.19
N ILE A 92 -1.95 12.64 38.58
CA ILE A 92 -0.86 11.87 38.00
C ILE A 92 -1.01 11.79 36.49
N ASP A 93 -2.25 11.67 36.01
CA ASP A 93 -2.51 11.52 34.59
C ASP A 93 -2.50 12.86 33.83
N ASP A 94 -2.11 13.96 34.46
CA ASP A 94 -1.72 15.16 33.75
C ASP A 94 -0.28 15.11 33.22
N THR A 95 0.47 14.05 33.55
CA THR A 95 1.82 13.88 33.02
C THR A 95 1.78 13.80 31.50
N ALA A 96 2.57 14.63 30.82
CA ALA A 96 2.41 14.74 29.37
C ALA A 96 3.44 15.67 28.77
N MET A 97 3.58 15.56 27.46
CA MET A 97 4.29 16.56 26.66
C MET A 97 3.28 17.65 26.31
N TYR A 98 3.56 18.87 26.76
CA TYR A 98 2.69 20.03 26.53
C TYR A 98 3.29 20.88 25.42
N TYR A 99 2.48 21.20 24.41
CA TYR A 99 2.90 22.05 23.30
C TYR A 99 2.03 23.30 23.23
N CYS A 100 2.64 24.43 22.92
CA CYS A 100 1.87 25.56 22.35
C CYS A 100 1.87 25.45 20.81
N ALA A 101 0.80 25.91 20.19
CA ALA A 101 0.73 25.86 18.72
C ALA A 101 -0.15 26.99 18.20
N THR A 102 0.01 27.33 16.91
CA THR A 102 -0.85 28.31 16.27
C THR A 102 -1.21 27.84 14.86
N TYR A 103 -2.43 28.19 14.42
CA TYR A 103 -2.80 28.02 13.02
C TYR A 103 -1.95 28.90 12.12
N GLY A 104 -1.48 30.02 12.65
CA GLY A 104 -1.05 31.08 11.75
C GLY A 104 -2.16 31.41 10.79
N ASN A 105 -1.80 31.43 9.50
CA ASN A 105 -2.68 31.75 8.39
C ASN A 105 -3.37 30.53 7.79
N TYR A 106 -3.36 29.39 8.47
CA TYR A 106 -3.80 28.11 7.92
C TYR A 106 -4.98 27.58 8.73
N GLY A 107 -5.48 26.42 8.32
CA GLY A 107 -6.64 25.82 8.96
C GLY A 107 -6.32 24.70 9.93
N GLY A 108 -5.03 24.43 10.18
CA GLY A 108 -4.64 23.45 11.18
C GLY A 108 -3.41 23.96 11.93
N PHE A 109 -2.91 23.16 12.86
CA PHE A 109 -1.76 23.60 13.64
C PHE A 109 -0.51 23.56 12.79
N ALA A 110 -0.21 24.70 12.16
CA ALA A 110 0.91 24.81 11.23
C ALA A 110 2.23 25.05 11.95
N TYR A 111 2.22 25.66 13.15
CA TYR A 111 3.44 25.96 13.89
C TYR A 111 3.33 25.41 15.31
N TRP A 112 4.36 24.70 15.76
CA TRP A 112 4.37 24.08 17.09
C TRP A 112 5.62 24.47 17.86
N GLY A 113 5.46 24.62 19.18
CA GLY A 113 6.61 24.71 20.05
C GLY A 113 7.35 23.37 20.10
N GLN A 114 8.49 23.37 20.81
CA GLN A 114 9.27 22.13 20.88
C GLN A 114 8.74 21.15 21.92
N GLY A 115 7.78 21.55 22.73
CA GLY A 115 7.20 20.67 23.74
C GLY A 115 7.83 20.85 25.10
N THR A 116 7.03 20.73 26.16
CA THR A 116 7.51 20.79 27.53
C THR A 116 7.01 19.53 28.25
N LEU A 117 7.93 18.67 28.65
CA LEU A 117 7.55 17.44 29.34
C LEU A 117 7.26 17.76 30.79
N VAL A 118 6.00 17.67 31.20
CA VAL A 118 5.63 17.89 32.59
C VAL A 118 5.29 16.54 33.21
N THR A 119 5.98 16.20 34.29
CA THR A 119 5.74 14.97 35.03
C THR A 119 5.07 15.32 36.36
N VAL A 120 3.94 14.70 36.63
CA VAL A 120 3.25 14.88 37.90
C VAL A 120 3.55 13.66 38.76
N SER A 121 4.21 13.89 39.90
CA SER A 121 4.61 12.81 40.78
C SER A 121 5.05 13.38 42.12
N SER A 122 4.88 12.58 43.18
CA SER A 122 5.40 12.96 44.50
C SER A 122 6.89 12.66 44.68
N ALA A 123 7.54 11.98 43.73
CA ALA A 123 8.96 11.71 43.85
C ALA A 123 9.77 13.01 43.73
N SER A 124 11.05 12.93 44.10
CA SER A 124 11.98 14.05 43.96
C SER A 124 12.79 13.93 42.68
N THR A 125 13.22 15.09 42.18
CA THR A 125 14.14 15.16 41.04
C THR A 125 15.50 14.58 41.38
N LYS A 126 16.03 13.76 40.48
CA LYS A 126 17.34 13.14 40.68
C LYS A 126 18.13 13.10 39.37
N GLY A 127 19.33 13.64 39.37
CA GLY A 127 20.20 13.59 38.21
C GLY A 127 20.79 12.20 38.00
N PRO A 128 21.19 11.89 36.77
CA PRO A 128 21.60 10.53 36.42
C PRO A 128 23.02 10.20 36.86
N SER A 129 23.24 8.90 37.04
CA SER A 129 24.57 8.30 37.05
C SER A 129 24.89 7.83 35.64
N VAL A 130 26.12 8.06 35.19
CA VAL A 130 26.52 7.71 33.82
C VAL A 130 27.69 6.72 33.89
N PHE A 131 27.45 5.51 33.40
CA PHE A 131 28.48 4.49 33.43
C PHE A 131 28.84 4.08 32.02
N PRO A 132 30.11 3.79 31.75
CA PRO A 132 30.50 3.37 30.40
C PRO A 132 30.06 1.94 30.10
N LEU A 133 29.74 1.70 28.83
CA LEU A 133 29.58 0.37 28.26
C LEU A 133 30.84 0.21 27.41
N ALA A 134 31.89 -0.31 28.02
CA ALA A 134 33.20 -0.30 27.40
C ALA A 134 33.23 -1.33 26.28
N PRO A 135 33.80 -0.98 25.11
CA PRO A 135 33.95 -1.98 24.05
C PRO A 135 34.99 -3.02 24.44
N SER A 136 34.79 -4.24 23.96
CA SER A 136 35.68 -5.33 24.30
C SER A 136 35.59 -6.36 23.17
N SER A 137 36.36 -7.45 23.32
CA SER A 137 36.18 -8.59 22.43
C SER A 137 34.75 -9.08 22.42
N LYS A 138 33.99 -8.79 23.48
CA LYS A 138 32.61 -9.27 23.62
C LYS A 138 31.58 -8.35 22.96
N SER A 139 31.98 -7.16 22.54
CA SER A 139 31.10 -6.24 21.82
C SER A 139 31.65 -5.94 20.42
N THR A 140 32.35 -6.90 19.81
CA THR A 140 32.90 -6.75 18.48
C THR A 140 32.36 -7.80 17.54
N SER A 141 32.01 -7.38 16.32
CA SER A 141 31.50 -8.26 15.27
C SER A 141 32.28 -7.94 13.99
N GLY A 142 33.34 -8.69 13.75
CA GLY A 142 34.20 -8.42 12.62
C GLY A 142 34.95 -7.12 12.78
N GLY A 143 34.81 -6.23 11.82
CA GLY A 143 35.44 -4.93 11.92
C GLY A 143 34.61 -3.88 12.60
N THR A 144 33.54 -4.28 13.28
CA THR A 144 32.62 -3.36 13.94
C THR A 144 32.65 -3.64 15.44
N ALA A 145 32.83 -2.58 16.24
CA ALA A 145 32.71 -2.65 17.69
C ALA A 145 31.56 -1.77 18.15
N ALA A 146 30.90 -2.15 19.25
CA ALA A 146 29.86 -1.34 19.86
C ALA A 146 30.33 -0.87 21.23
N LEU A 147 30.00 0.37 21.57
CA LEU A 147 30.31 0.94 22.87
C LEU A 147 29.13 1.83 23.25
N GLY A 148 29.09 2.28 24.50
CA GLY A 148 27.94 3.06 24.89
C GLY A 148 28.07 3.64 26.27
N CYS A 149 26.94 4.13 26.77
N CYS A 149 26.96 4.17 26.78
CA CYS A 149 26.82 4.69 28.11
CA CYS A 149 26.89 4.62 28.16
C CYS A 149 25.51 4.25 28.72
C CYS A 149 25.53 4.29 28.73
N LEU A 150 25.55 3.85 29.97
CA LEU A 150 24.36 3.50 30.72
C LEU A 150 24.01 4.71 31.58
N VAL A 151 22.84 5.28 31.34
CA VAL A 151 22.38 6.49 32.01
C VAL A 151 21.30 6.05 32.97
N LYS A 152 21.62 6.01 34.26
CA LYS A 152 20.89 5.21 35.24
C LYS A 152 20.42 6.06 36.42
N ASP A 153 19.22 5.74 36.91
CA ASP A 153 18.71 6.24 38.18
C ASP A 153 18.43 7.75 38.15
N TYR A 154 17.69 8.20 37.15
CA TYR A 154 17.32 9.61 37.11
C TYR A 154 15.80 9.72 37.11
N PHE A 155 15.31 10.92 37.48
CA PHE A 155 13.88 11.25 37.51
C PHE A 155 13.76 12.77 37.53
N PRO A 156 12.82 13.37 36.77
CA PRO A 156 11.90 12.72 35.85
C PRO A 156 12.51 12.61 34.49
N GLU A 157 11.78 12.11 33.49
CA GLU A 157 12.21 12.29 32.12
C GLU A 157 12.17 13.78 31.77
N PRO A 158 12.91 14.22 30.72
CA PRO A 158 13.78 13.43 29.82
C PRO A 158 15.26 13.69 30.05
N VAL A 159 16.10 12.89 29.41
CA VAL A 159 17.52 13.20 29.27
C VAL A 159 17.84 13.25 27.78
N THR A 160 18.82 14.06 27.43
CA THR A 160 19.39 14.03 26.08
C THR A 160 20.79 13.44 26.15
N VAL A 161 21.09 12.53 25.23
CA VAL A 161 22.41 11.92 25.13
C VAL A 161 22.97 12.28 23.77
N SER A 162 24.20 12.77 23.75
CA SER A 162 24.90 13.03 22.51
C SER A 162 26.26 12.38 22.58
N TRP A 163 26.93 12.23 21.44
CA TRP A 163 28.29 11.68 21.43
C TRP A 163 29.23 12.72 20.85
N ASN A 164 30.36 12.91 21.54
CA ASN A 164 31.39 13.87 21.13
C ASN A 164 30.75 15.24 20.86
N SER A 165 29.91 15.66 21.81
CA SER A 165 29.20 16.93 21.84
C SER A 165 28.15 17.04 20.75
N GLY A 166 27.85 15.93 20.05
CA GLY A 166 26.90 15.96 18.95
C GLY A 166 27.53 15.81 17.58
N ALA A 167 28.87 15.82 17.49
CA ALA A 167 29.50 15.59 16.19
C ALA A 167 29.31 14.16 15.71
N LEU A 168 29.06 13.21 16.60
CA LEU A 168 28.97 11.81 16.23
C LEU A 168 27.51 11.38 16.27
N THR A 169 26.93 11.13 15.09
CA THR A 169 25.52 10.71 15.01
C THR A 169 25.33 9.42 14.22
N SER A 170 26.18 9.13 13.25
CA SER A 170 26.06 7.89 12.51
C SER A 170 26.21 6.70 13.45
N GLY A 171 25.27 5.76 13.38
CA GLY A 171 25.40 4.55 14.15
C GLY A 171 24.90 4.62 15.57
N VAL A 172 24.41 5.77 16.01
CA VAL A 172 24.01 5.99 17.40
C VAL A 172 22.59 5.47 17.59
N HIS A 173 22.37 4.68 18.64
CA HIS A 173 21.03 4.29 19.06
C HIS A 173 20.86 4.68 20.51
N THR A 174 19.92 5.57 20.78
CA THR A 174 19.59 5.93 22.14
C THR A 174 18.23 5.33 22.47
N PHE A 175 18.22 4.43 23.44
CA PHE A 175 16.99 3.67 23.66
C PHE A 175 16.00 4.47 24.50
N PRO A 176 14.71 4.27 24.27
CA PRO A 176 13.71 4.81 25.20
C PRO A 176 14.02 4.36 26.61
N ALA A 177 13.82 5.27 27.57
CA ALA A 177 14.05 4.96 28.97
C ALA A 177 13.00 3.99 29.47
N VAL A 178 13.37 3.20 30.46
CA VAL A 178 12.41 2.35 31.15
C VAL A 178 12.39 2.74 32.63
N LEU A 179 11.21 2.69 33.23
CA LEU A 179 11.06 2.93 34.66
C LEU A 179 11.48 1.68 35.42
N GLN A 180 12.44 1.81 36.33
CA GLN A 180 12.89 0.67 37.11
C GLN A 180 11.98 0.48 38.32
N SER A 181 12.13 -0.68 38.98
CA SER A 181 11.28 -0.97 40.12
C SER A 181 11.54 -0.01 41.26
N SER A 182 12.69 0.66 41.27
CA SER A 182 12.96 1.73 42.22
C SER A 182 12.17 3.00 41.94
N GLY A 183 11.53 3.11 40.79
CA GLY A 183 10.86 4.36 40.46
C GLY A 183 11.72 5.38 39.75
N LEU A 184 12.98 5.07 39.47
CA LEU A 184 13.87 5.90 38.67
C LEU A 184 13.98 5.34 37.24
N TYR A 185 14.35 6.21 36.31
CA TYR A 185 14.48 5.80 34.92
C TYR A 185 15.90 5.35 34.65
N SER A 186 16.04 4.55 33.60
CA SER A 186 17.35 4.13 33.14
C SER A 186 17.28 3.93 31.63
N LEU A 187 18.35 4.32 30.93
CA LEU A 187 18.47 4.05 29.51
C LEU A 187 19.93 3.91 29.12
N SER A 188 20.14 3.38 27.93
N SER A 188 20.15 3.34 27.94
CA SER A 188 21.45 3.26 27.33
CA SER A 188 21.48 3.21 27.36
C SER A 188 21.48 4.01 26.00
C SER A 188 21.51 3.86 25.98
N SER A 189 22.68 4.37 25.60
CA SER A 189 22.92 4.91 24.28
C SER A 189 24.16 4.24 23.76
N VAL A 190 24.09 3.72 22.54
CA VAL A 190 25.17 2.91 22.01
C VAL A 190 25.52 3.48 20.65
N VAL A 191 26.73 3.16 20.20
CA VAL A 191 27.17 3.52 18.85
C VAL A 191 28.12 2.44 18.36
N THR A 192 28.04 2.12 17.07
CA THR A 192 28.99 1.21 16.45
C THR A 192 30.02 1.99 15.66
N VAL A 193 31.29 1.60 15.82
CA VAL A 193 32.42 2.30 15.22
C VAL A 193 33.32 1.22 14.61
N PRO A 194 34.29 1.56 13.76
CA PRO A 194 35.27 0.54 13.32
C PRO A 194 36.07 0.06 14.52
N SER A 195 36.21 -1.26 14.63
CA SER A 195 36.95 -1.82 15.75
C SER A 195 38.39 -1.29 15.80
N SER A 196 38.99 -0.96 14.64
CA SER A 196 40.33 -0.40 14.66
C SER A 196 40.37 1.04 15.13
N SER A 197 39.21 1.66 15.35
CA SER A 197 39.20 3.05 15.80
C SER A 197 39.31 3.16 17.31
N LEU A 198 39.22 2.04 18.04
CA LEU A 198 39.10 2.08 19.49
C LEU A 198 40.33 2.67 20.16
N GLY A 199 41.50 2.50 19.55
CA GLY A 199 42.74 3.04 20.08
C GLY A 199 43.12 4.39 19.53
N THR A 200 42.45 4.88 18.50
CA THR A 200 42.84 6.12 17.85
C THR A 200 41.82 7.24 17.93
N GLN A 201 40.57 6.95 18.31
CA GLN A 201 39.49 7.92 18.33
C GLN A 201 38.91 8.00 19.74
N THR A 202 38.69 9.22 20.21
CA THR A 202 38.02 9.45 21.49
C THR A 202 36.50 9.41 21.33
N TYR A 203 35.83 8.71 22.22
CA TYR A 203 34.36 8.64 22.26
C TYR A 203 33.88 9.09 23.63
N ILE A 204 33.11 10.16 23.66
CA ILE A 204 32.58 10.72 24.90
C ILE A 204 31.07 10.82 24.75
N CYS A 205 30.33 10.28 25.71
N CYS A 205 30.34 10.37 25.77
CA CYS A 205 28.90 10.53 25.75
CA CYS A 205 28.88 10.46 25.79
C CYS A 205 28.65 11.75 26.62
C CYS A 205 28.47 11.61 26.72
N ASN A 206 27.72 12.57 26.17
CA ASN A 206 27.32 13.79 26.87
C ASN A 206 25.87 13.64 27.28
N VAL A 207 25.62 13.75 28.58
CA VAL A 207 24.30 13.56 29.12
C VAL A 207 23.81 14.88 29.68
N ASN A 208 22.62 15.29 29.29
CA ASN A 208 22.00 16.49 29.82
C ASN A 208 20.63 16.12 30.42
N HIS A 209 20.44 16.46 31.69
CA HIS A 209 19.20 16.22 32.44
C HIS A 209 18.72 17.59 32.90
N LYS A 210 17.93 18.24 32.07
CA LYS A 210 17.54 19.60 32.37
C LYS A 210 16.68 19.72 33.62
N PRO A 211 15.84 18.73 34.00
CA PRO A 211 15.13 18.87 35.29
C PRO A 211 16.02 19.06 36.48
N SER A 212 17.22 18.48 36.50
CA SER A 212 18.18 18.67 37.58
C SER A 212 19.30 19.64 37.19
N ASN A 213 19.20 20.27 36.02
CA ASN A 213 20.25 21.12 35.46
C ASN A 213 21.63 20.47 35.55
N THR A 214 21.67 19.19 35.19
CA THR A 214 22.88 18.41 35.21
C THR A 214 23.35 18.15 33.79
N LYS A 215 24.66 18.29 33.58
CA LYS A 215 25.32 17.89 32.35
C LYS A 215 26.51 17.05 32.77
N VAL A 216 26.65 15.87 32.17
CA VAL A 216 27.71 14.93 32.47
C VAL A 216 28.33 14.49 31.15
N ASP A 217 29.66 14.41 31.12
CA ASP A 217 30.42 13.82 30.03
C ASP A 217 31.22 12.64 30.55
N LYS A 218 31.08 11.47 29.89
CA LYS A 218 31.84 10.28 30.24
C LYS A 218 32.66 9.86 29.03
N LYS A 219 33.98 9.83 29.19
CA LYS A 219 34.81 9.18 28.17
C LYS A 219 34.62 7.67 28.27
N VAL A 220 34.42 7.02 27.13
CA VAL A 220 34.24 5.58 27.07
C VAL A 220 35.49 4.97 26.43
N GLU A 221 36.31 4.29 27.26
CA GLU A 221 37.57 3.66 26.84
C GLU A 221 37.40 2.15 26.73
N PRO A 222 38.18 1.50 25.87
CA PRO A 222 38.12 0.03 25.79
C PRO A 222 38.40 -0.62 27.14
N LYS A 223 37.86 -1.82 27.33
CA LYS A 223 37.94 -2.49 28.62
C LYS A 223 39.34 -3.08 28.86
N SER A 224 39.78 -3.01 30.12
CA SER A 224 41.12 -3.44 30.53
C SER A 224 41.10 -4.89 31.00
N CYS A 225 42.01 -5.70 30.47
CA CYS A 225 42.21 -7.14 30.77
C CYS A 225 40.98 -7.88 31.34
N ASP B 6 -15.96 16.01 22.38
CA ASP B 6 -17.35 15.69 22.07
C ASP B 6 -17.55 15.23 20.62
N ILE B 7 -16.64 15.57 19.70
CA ILE B 7 -16.55 14.92 18.39
C ILE B 7 -15.37 13.97 18.41
N GLN B 8 -15.64 12.71 18.05
CA GLN B 8 -14.71 11.62 18.22
C GLN B 8 -14.14 11.21 16.87
N MET B 9 -12.80 11.17 16.77
CA MET B 9 -12.07 10.82 15.54
C MET B 9 -11.44 9.44 15.73
N THR B 10 -11.79 8.51 14.84
CA THR B 10 -11.31 7.14 14.89
C THR B 10 -10.36 6.93 13.72
N GLN B 11 -9.11 6.61 14.01
CA GLN B 11 -8.15 6.34 12.95
C GLN B 11 -7.99 4.85 12.77
N SER B 12 -7.87 4.42 11.53
CA SER B 12 -7.62 3.02 11.26
C SER B 12 -6.70 2.89 10.06
N PRO B 13 -5.84 1.87 10.03
CA PRO B 13 -5.66 0.94 11.15
C PRO B 13 -4.82 1.59 12.24
N LYS B 14 -4.64 0.91 13.37
CA LYS B 14 -3.83 1.50 14.43
C LYS B 14 -2.35 1.43 14.12
N SER B 15 -1.95 0.46 13.29
CA SER B 15 -0.57 0.38 12.84
C SER B 15 -0.57 -0.33 11.50
N MET B 16 0.45 -0.08 10.70
CA MET B 16 0.57 -0.80 9.44
C MET B 16 2.03 -0.86 9.03
N SER B 17 2.33 -1.81 8.15
CA SER B 17 3.68 -2.04 7.66
C SER B 17 3.62 -2.15 6.14
N MET B 18 4.37 -1.30 5.45
CA MET B 18 4.32 -1.21 4.00
C MET B 18 5.72 -1.29 3.45
N SER B 19 5.87 -1.77 2.22
CA SER B 19 7.17 -1.75 1.57
C SER B 19 7.38 -0.41 0.87
N VAL B 20 8.65 -0.03 0.73
CA VAL B 20 8.97 1.25 0.11
C VAL B 20 8.44 1.25 -1.31
N GLY B 21 7.82 2.36 -1.70
CA GLY B 21 7.24 2.50 -3.01
C GLY B 21 5.80 2.07 -3.14
N GLU B 22 5.24 1.41 -2.12
CA GLU B 22 3.83 1.04 -2.14
C GLU B 22 2.95 2.23 -1.78
N ARG B 23 1.68 2.11 -2.12
CA ARG B 23 0.72 3.15 -1.80
C ARG B 23 0.15 2.90 -0.41
N VAL B 24 0.09 3.95 0.40
CA VAL B 24 -0.41 3.86 1.76
C VAL B 24 -1.72 4.63 1.84
N THR B 25 -2.70 4.05 2.54
CA THR B 25 -4.00 4.67 2.75
C THR B 25 -4.29 4.69 4.24
N LEU B 26 -4.39 5.90 4.82
CA LEU B 26 -4.77 6.09 6.22
C LEU B 26 -6.17 6.66 6.33
N SER B 27 -6.96 6.11 7.24
CA SER B 27 -8.37 6.46 7.35
C SER B 27 -8.64 7.18 8.66
N CYS B 28 -9.61 8.09 8.61
CA CYS B 28 -10.04 8.80 9.80
C CYS B 28 -11.55 9.04 9.71
N LYS B 29 -12.27 8.70 10.77
CA LYS B 29 -13.73 8.77 10.74
C LYS B 29 -14.22 9.61 11.91
N ALA B 30 -14.99 10.65 11.60
CA ALA B 30 -15.54 11.54 12.60
C ALA B 30 -16.90 11.02 13.03
N SER B 31 -17.21 11.16 14.33
CA SER B 31 -18.48 10.70 14.87
C SER B 31 -19.65 11.61 14.52
N GLU B 32 -19.39 12.85 14.12
CA GLU B 32 -20.41 13.75 13.60
C GLU B 32 -19.80 14.48 12.41
N ASN B 33 -20.66 15.10 11.60
CA ASN B 33 -20.23 15.85 10.42
C ASN B 33 -19.27 16.97 10.83
N VAL B 34 -18.04 16.92 10.32
CA VAL B 34 -17.07 17.98 10.57
C VAL B 34 -16.76 18.76 9.30
N HIS B 35 -17.57 18.59 8.25
CA HIS B 35 -17.45 19.33 6.99
C HIS B 35 -16.05 19.06 6.45
N THR B 36 -15.20 20.06 6.28
CA THR B 36 -13.84 19.84 5.79
C THR B 36 -12.79 20.31 6.79
N TYR B 37 -13.15 20.50 8.06
CA TYR B 37 -12.23 21.05 9.04
C TYR B 37 -11.35 19.96 9.66
N VAL B 38 -10.64 19.25 8.80
CA VAL B 38 -9.83 18.11 9.24
C VAL B 38 -8.39 18.32 8.79
N SER B 39 -7.46 18.11 9.71
CA SER B 39 -6.05 18.24 9.42
C SER B 39 -5.35 16.92 9.72
N TRP B 40 -4.25 16.68 9.00
CA TRP B 40 -3.39 15.53 9.20
C TRP B 40 -2.01 16.02 9.62
N TYR B 41 -1.41 15.33 10.59
CA TYR B 41 -0.12 15.68 11.16
C TYR B 41 0.80 14.48 11.14
N GLN B 42 2.08 14.71 10.87
CA GLN B 42 3.11 13.70 10.90
C GLN B 42 3.96 13.93 12.14
N GLN B 43 4.18 12.88 12.93
CA GLN B 43 5.02 13.01 14.11
C GLN B 43 6.12 11.96 14.03
N LYS B 44 7.30 12.41 13.80
CA LYS B 44 8.40 11.47 13.83
C LYS B 44 8.94 11.36 15.24
N PRO B 45 9.61 10.26 15.58
CA PRO B 45 10.03 10.07 16.97
C PRO B 45 10.87 11.24 17.44
N GLU B 46 10.65 11.68 18.68
CA GLU B 46 11.60 12.64 19.25
C GLU B 46 11.50 14.01 18.56
N GLN B 47 10.31 14.30 17.95
CA GLN B 47 9.92 15.55 17.28
C GLN B 47 8.48 15.94 17.58
N SER B 48 8.20 17.24 17.39
CA SER B 48 6.84 17.76 17.42
C SER B 48 6.04 17.32 16.20
N PRO B 49 4.70 17.27 16.30
CA PRO B 49 3.90 17.06 15.09
C PRO B 49 4.18 18.15 14.07
N LYS B 50 4.07 17.78 12.80
CA LYS B 50 4.19 18.69 11.67
C LYS B 50 2.92 18.61 10.85
N LEU B 51 2.42 19.75 10.39
CA LEU B 51 1.20 19.78 9.60
C LEU B 51 1.48 19.27 8.18
N LEU B 52 0.67 18.32 7.72
CA LEU B 52 0.73 17.85 6.33
C LEU B 52 -0.42 18.39 5.48
N ILE B 53 -1.65 18.25 5.96
CA ILE B 53 -2.88 18.59 5.24
C ILE B 53 -3.77 19.40 6.16
N TYR B 54 -4.42 20.45 5.65
CA TYR B 54 -5.44 21.16 6.42
C TYR B 54 -6.68 21.37 5.56
N GLY B 55 -7.81 21.67 6.19
CA GLY B 55 -9.04 21.78 5.42
C GLY B 55 -9.32 20.56 4.58
N ALA B 56 -8.98 19.37 5.10
CA ALA B 56 -9.18 18.04 4.51
C ALA B 56 -8.28 17.76 3.31
N SER B 57 -8.08 18.74 2.43
CA SER B 57 -7.45 18.45 1.14
C SER B 57 -6.34 19.43 0.76
N ASN B 58 -6.04 20.44 1.57
CA ASN B 58 -4.99 21.41 1.25
C ASN B 58 -3.64 20.89 1.73
N ARG B 59 -2.70 20.72 0.81
CA ARG B 59 -1.35 20.31 1.19
C ARG B 59 -0.62 21.50 1.79
N TYR B 60 -0.05 21.31 2.97
CA TYR B 60 0.61 22.42 3.63
C TYR B 60 1.97 22.73 2.97
N THR B 61 2.43 23.96 3.18
CA THR B 61 3.70 24.48 2.68
C THR B 61 4.83 23.48 2.85
N GLY B 62 5.51 23.13 1.76
CA GLY B 62 6.71 22.33 1.87
C GLY B 62 6.48 20.84 1.94
N VAL B 63 5.24 20.40 2.00
CA VAL B 63 4.94 18.97 2.12
C VAL B 63 5.11 18.33 0.77
N PRO B 64 5.77 17.17 0.65
CA PRO B 64 5.97 16.55 -0.66
C PRO B 64 4.64 16.17 -1.32
N ASP B 65 4.59 16.25 -2.65
CA ASP B 65 3.39 15.92 -3.41
C ASP B 65 2.89 14.51 -3.20
N ARG B 66 3.71 13.61 -2.62
CA ARG B 66 3.21 12.25 -2.46
C ARG B 66 2.18 12.15 -1.35
N PHE B 67 2.02 13.19 -0.53
CA PHE B 67 0.98 13.24 0.48
C PHE B 67 -0.24 13.95 -0.08
N THR B 68 -1.38 13.28 -0.07
CA THR B 68 -2.64 13.88 -0.53
C THR B 68 -3.75 13.60 0.47
N GLY B 69 -4.52 14.63 0.82
CA GLY B 69 -5.69 14.48 1.66
C GLY B 69 -6.97 14.53 0.84
N SER B 70 -7.98 13.79 1.27
CA SER B 70 -9.29 13.84 0.64
C SER B 70 -10.35 13.47 1.65
N GLY B 71 -11.60 13.70 1.29
CA GLY B 71 -12.75 13.33 2.10
C GLY B 71 -13.54 14.53 2.56
N SER B 72 -14.71 14.24 3.14
CA SER B 72 -15.55 15.29 3.71
C SER B 72 -16.55 14.66 4.66
N ALA B 73 -17.27 15.53 5.36
CA ALA B 73 -18.33 15.14 6.29
C ALA B 73 -17.76 14.29 7.42
N THR B 74 -17.86 12.95 7.31
CA THR B 74 -17.40 12.07 8.37
C THR B 74 -16.28 11.10 7.97
N ASP B 75 -15.86 11.07 6.71
CA ASP B 75 -14.86 10.09 6.25
C ASP B 75 -13.70 10.83 5.57
N PHE B 76 -12.48 10.59 6.06
CA PHE B 76 -11.31 11.34 5.61
C PHE B 76 -10.16 10.38 5.37
N THR B 77 -9.31 10.73 4.42
CA THR B 77 -8.24 9.85 3.97
C THR B 77 -6.95 10.63 3.77
N LEU B 78 -5.84 10.04 4.20
CA LEU B 78 -4.51 10.50 3.85
C LEU B 78 -3.88 9.40 3.01
N THR B 79 -3.43 9.72 1.79
CA THR B 79 -2.73 8.75 0.97
C THR B 79 -1.28 9.19 0.78
N ILE B 80 -0.38 8.21 0.80
CA ILE B 80 1.00 8.40 0.37
C ILE B 80 1.17 7.61 -0.90
N SER B 81 1.36 8.32 -2.03
CA SER B 81 1.29 7.66 -3.33
C SER B 81 2.37 6.60 -3.49
N SER B 82 3.60 6.91 -3.09
CA SER B 82 4.63 5.88 -3.03
C SER B 82 5.50 6.17 -1.80
N VAL B 83 5.38 5.32 -0.78
CA VAL B 83 5.97 5.63 0.51
C VAL B 83 7.49 5.49 0.45
N GLN B 84 8.17 6.37 1.18
CA GLN B 84 9.62 6.39 1.28
C GLN B 84 10.03 6.04 2.71
N ALA B 85 11.31 5.68 2.87
CA ALA B 85 11.75 5.23 4.17
C ALA B 85 11.70 6.33 5.21
N GLU B 86 11.84 7.58 4.78
CA GLU B 86 11.74 8.75 5.65
C GLU B 86 10.32 8.95 6.22
N ASP B 87 9.29 8.35 5.61
CA ASP B 87 7.89 8.60 5.98
C ASP B 87 7.46 7.83 7.23
N LEU B 88 8.35 7.00 7.75
CA LEU B 88 8.21 6.35 9.04
C LEU B 88 7.86 7.37 10.13
N ALA B 89 6.71 7.19 10.78
CA ALA B 89 6.19 8.16 11.74
C ALA B 89 4.83 7.69 12.26
N ASP B 90 4.32 8.43 13.27
CA ASP B 90 2.93 8.39 13.66
C ASP B 90 2.15 9.47 12.92
N TYR B 91 0.97 9.11 12.42
CA TYR B 91 0.13 10.06 11.69
C TYR B 91 -1.15 10.32 12.48
N HIS B 92 -1.45 11.59 12.73
CA HIS B 92 -2.60 12.00 13.52
C HIS B 92 -3.56 12.78 12.64
N CYS B 93 -4.86 12.52 12.78
CA CYS B 93 -5.88 13.41 12.23
C CYS B 93 -6.57 14.17 13.36
N GLY B 94 -7.00 15.39 13.05
CA GLY B 94 -7.71 16.22 14.02
C GLY B 94 -8.80 17.03 13.36
N GLN B 95 -9.84 17.32 14.14
CA GLN B 95 -10.92 18.20 13.70
C GLN B 95 -10.88 19.50 14.47
N THR B 96 -11.14 20.58 13.76
CA THR B 96 -11.23 21.91 14.34
C THR B 96 -12.57 22.53 13.97
N TYR B 97 -13.58 21.69 13.78
CA TYR B 97 -14.90 22.16 13.38
C TYR B 97 -15.65 22.78 14.54
N THR B 98 -15.55 22.18 15.73
CA THR B 98 -16.26 22.71 16.88
C THR B 98 -15.52 22.38 18.16
N TYR B 99 -15.74 23.20 19.18
CA TYR B 99 -15.11 23.00 20.47
C TYR B 99 -15.73 21.80 21.19
N PRO B 100 -14.93 20.98 21.88
CA PRO B 100 -13.47 21.09 21.87
C PRO B 100 -12.84 20.43 20.65
N PHE B 101 -11.77 21.02 20.11
CA PHE B 101 -11.02 20.37 19.06
C PHE B 101 -10.50 19.04 19.56
N THR B 102 -10.50 18.03 18.69
CA THR B 102 -10.12 16.69 19.07
C THR B 102 -9.25 16.06 17.99
N PHE B 103 -8.56 15.00 18.37
CA PHE B 103 -7.68 14.28 17.48
C PHE B 103 -7.98 12.80 17.59
N GLY B 104 -7.64 12.06 16.54
CA GLY B 104 -7.62 10.63 16.60
C GLY B 104 -6.48 10.13 17.48
N SER B 105 -6.45 8.81 17.65
CA SER B 105 -5.41 8.21 18.48
C SER B 105 -4.09 8.05 17.74
N GLY B 106 -4.07 8.23 16.42
CA GLY B 106 -2.84 8.08 15.68
C GLY B 106 -2.75 6.72 14.99
N THR B 107 -2.01 6.70 13.88
CA THR B 107 -1.67 5.49 13.15
C THR B 107 -0.15 5.42 13.05
N LYS B 108 0.43 4.30 13.48
CA LYS B 108 1.88 4.14 13.36
C LYS B 108 2.21 3.49 12.04
N LEU B 109 3.01 4.17 11.23
CA LEU B 109 3.44 3.67 9.93
C LEU B 109 4.84 3.10 10.07
N GLU B 110 4.98 1.82 9.77
CA GLU B 110 6.25 1.16 9.93
C GLU B 110 6.61 0.61 8.56
N LEU B 111 7.90 0.44 8.28
CA LEU B 111 8.32 0.00 6.96
C LEU B 111 8.70 -1.48 6.94
N LYS B 112 8.50 -2.13 5.80
CA LYS B 112 8.95 -3.51 5.55
C LYS B 112 10.30 -3.52 4.84
N ARG B 113 11.10 -4.54 5.15
CA ARG B 113 12.36 -4.77 4.47
C ARG B 113 12.69 -6.25 4.54
N THR B 114 13.84 -6.63 3.98
CA THR B 114 14.27 -8.02 4.08
C THR B 114 14.59 -8.37 5.53
N VAL B 115 14.38 -9.63 5.88
CA VAL B 115 14.75 -10.11 7.21
C VAL B 115 16.22 -9.83 7.45
N ALA B 116 16.52 -9.32 8.64
CA ALA B 116 17.89 -8.99 9.01
C ALA B 116 18.13 -9.47 10.44
N ALA B 117 19.08 -10.39 10.61
CA ALA B 117 19.33 -10.92 11.94
C ALA B 117 20.10 -9.91 12.79
N PRO B 118 19.98 -9.97 14.11
CA PRO B 118 20.72 -9.03 14.95
C PRO B 118 22.18 -9.43 15.10
N SER B 119 23.04 -8.41 15.17
CA SER B 119 24.34 -8.58 15.80
C SER B 119 24.14 -8.45 17.30
N VAL B 120 24.74 -9.37 18.06
CA VAL B 120 24.55 -9.44 19.50
C VAL B 120 25.87 -9.08 20.17
N PHE B 121 25.80 -8.14 21.12
CA PHE B 121 26.94 -7.67 21.88
C PHE B 121 26.58 -7.73 23.36
N ILE B 122 27.57 -7.98 24.22
CA ILE B 122 27.32 -8.02 25.66
C ILE B 122 28.33 -7.12 26.36
N PHE B 123 27.87 -6.42 27.41
CA PHE B 123 28.66 -5.43 28.16
C PHE B 123 28.62 -5.80 29.63
N PRO B 124 29.72 -6.13 30.26
CA PRO B 124 29.71 -6.34 31.71
C PRO B 124 29.53 -5.02 32.44
N PRO B 125 29.15 -5.04 33.71
CA PRO B 125 29.06 -3.79 34.48
C PRO B 125 30.41 -3.11 34.56
N SER B 126 30.39 -1.79 34.43
CA SER B 126 31.55 -0.94 34.69
C SER B 126 32.06 -1.12 36.11
N ASP B 127 33.35 -0.88 36.30
CA ASP B 127 33.88 -0.98 37.66
C ASP B 127 33.42 0.18 38.52
N GLU B 128 33.13 1.34 37.92
CA GLU B 128 32.59 2.44 38.70
C GLU B 128 31.21 2.09 39.26
N GLN B 129 30.37 1.42 38.47
CA GLN B 129 29.05 1.07 38.99
C GLN B 129 29.15 0.04 40.11
N LEU B 130 30.00 -0.98 39.93
CA LEU B 130 30.16 -2.00 40.97
C LEU B 130 30.52 -1.37 42.33
N LYS B 131 31.33 -0.32 42.33
CA LYS B 131 31.71 0.28 43.59
C LYS B 131 30.49 0.91 44.29
N SER B 132 29.43 1.20 43.54
CA SER B 132 28.21 1.76 44.12
C SER B 132 27.29 0.72 44.73
N GLY B 133 27.50 -0.56 44.48
CA GLY B 133 26.69 -1.60 45.10
C GLY B 133 25.73 -2.32 44.17
N THR B 134 25.69 -1.96 42.89
CA THR B 134 24.76 -2.58 41.96
C THR B 134 25.52 -2.95 40.70
N ALA B 135 24.94 -3.88 39.94
CA ALA B 135 25.56 -4.39 38.73
C ALA B 135 24.51 -4.43 37.64
N SER B 136 24.74 -3.70 36.55
CA SER B 136 23.91 -3.83 35.36
C SER B 136 24.72 -4.49 34.25
N VAL B 137 24.16 -5.55 33.68
CA VAL B 137 24.73 -6.25 32.53
C VAL B 137 23.83 -5.95 31.35
N VAL B 138 24.41 -5.51 30.24
CA VAL B 138 23.60 -5.07 29.11
C VAL B 138 23.85 -5.98 27.92
N CYS B 139 22.77 -6.42 27.29
N CYS B 139 22.78 -6.43 27.27
CA CYS B 139 22.83 -7.19 26.05
CA CYS B 139 22.87 -7.22 26.05
C CYS B 139 22.22 -6.34 24.96
C CYS B 139 22.21 -6.44 24.94
N LEU B 140 22.94 -6.20 23.85
CA LEU B 140 22.51 -5.35 22.75
C LEU B 140 22.24 -6.17 21.51
N LEU B 141 21.07 -5.96 20.89
CA LEU B 141 20.71 -6.55 19.62
C LEU B 141 20.66 -5.41 18.61
N ASN B 142 21.56 -5.41 17.64
CA ASN B 142 21.73 -4.25 16.77
C ASN B 142 21.23 -4.53 15.36
N ASN B 143 20.40 -3.61 14.83
CA ASN B 143 20.02 -3.49 13.42
C ASN B 143 19.38 -4.78 12.89
N PHE B 144 18.22 -5.12 13.43
CA PHE B 144 17.56 -6.32 12.95
C PHE B 144 16.17 -6.02 12.42
N TYR B 145 15.60 -7.02 11.75
CA TYR B 145 14.24 -6.90 11.22
C TYR B 145 13.73 -8.31 10.96
N PRO B 146 12.49 -8.64 11.33
CA PRO B 146 11.48 -7.74 11.93
C PRO B 146 11.75 -7.45 13.39
N ARG B 147 10.82 -6.74 14.00
CA ARG B 147 10.98 -6.24 15.36
C ARG B 147 10.95 -7.35 16.40
N GLU B 148 10.24 -8.45 16.14
CA GLU B 148 10.03 -9.46 17.18
C GLU B 148 11.32 -10.21 17.48
N ALA B 149 11.65 -10.31 18.77
CA ALA B 149 12.86 -11.00 19.19
C ALA B 149 12.68 -11.36 20.66
N LYS B 150 13.28 -12.48 21.06
CA LYS B 150 13.21 -12.92 22.44
C LYS B 150 14.63 -13.00 22.99
N VAL B 151 14.85 -12.40 24.16
CA VAL B 151 16.14 -12.39 24.83
C VAL B 151 15.97 -13.07 26.18
N GLN B 152 16.82 -14.04 26.44
CA GLN B 152 16.78 -14.77 27.70
C GLN B 152 18.14 -14.67 28.35
N TRP B 153 18.18 -14.34 29.63
CA TRP B 153 19.43 -14.25 30.35
C TRP B 153 19.70 -15.57 31.06
N LYS B 154 20.97 -15.98 31.10
CA LYS B 154 21.35 -17.14 31.90
C LYS B 154 22.57 -16.77 32.73
N VAL B 155 22.52 -17.08 34.03
CA VAL B 155 23.64 -16.83 34.92
C VAL B 155 24.10 -18.18 35.46
N ASP B 156 25.34 -18.56 35.16
CA ASP B 156 25.84 -19.90 35.49
C ASP B 156 24.80 -20.95 35.13
N ASN B 157 24.27 -20.84 33.91
CA ASN B 157 23.24 -21.69 33.31
C ASN B 157 21.86 -21.61 33.97
N ALA B 158 21.65 -20.74 34.94
CA ALA B 158 20.32 -20.61 35.54
C ALA B 158 19.52 -19.61 34.73
N LEU B 159 18.38 -20.05 34.20
CA LEU B 159 17.55 -19.15 33.40
C LEU B 159 16.95 -18.12 34.33
N GLN B 160 17.06 -16.84 33.95
CA GLN B 160 16.65 -15.74 34.82
C GLN B 160 15.23 -15.31 34.48
N SER B 161 14.52 -14.80 35.48
CA SER B 161 13.25 -14.17 35.21
C SER B 161 13.00 -13.10 36.26
N GLY B 162 12.36 -12.02 35.83
CA GLY B 162 11.95 -10.94 36.71
C GLY B 162 13.01 -9.93 37.07
N ASN B 163 14.26 -10.09 36.61
CA ASN B 163 15.33 -9.16 36.97
C ASN B 163 15.96 -8.51 35.75
N SER B 164 15.22 -8.42 34.64
CA SER B 164 15.72 -7.73 33.46
C SER B 164 14.62 -6.84 32.88
N GLN B 165 15.03 -5.83 32.13
CA GLN B 165 14.09 -4.97 31.42
C GLN B 165 14.65 -4.70 30.04
N GLU B 166 13.77 -4.49 29.07
CA GLU B 166 14.24 -4.27 27.72
C GLU B 166 13.60 -3.02 27.12
N SER B 167 14.30 -2.46 26.14
CA SER B 167 13.78 -1.33 25.40
C SER B 167 14.14 -1.51 23.93
N VAL B 168 13.26 -1.06 23.05
CA VAL B 168 13.45 -1.22 21.61
C VAL B 168 13.36 0.16 20.98
N THR B 169 14.30 0.47 20.09
CA THR B 169 14.24 1.76 19.41
C THR B 169 13.09 1.82 18.43
N GLU B 170 12.69 3.05 18.07
CA GLU B 170 11.84 3.22 16.91
C GLU B 170 12.62 2.80 15.66
N GLN B 171 11.89 2.41 14.62
CA GLN B 171 12.55 1.92 13.42
C GLN B 171 13.46 3.00 12.82
N ASP B 172 14.61 2.57 12.31
CA ASP B 172 15.57 3.51 11.74
C ASP B 172 15.08 3.99 10.37
N SER B 173 15.16 5.29 10.13
CA SER B 173 14.63 5.82 8.88
C SER B 173 15.53 5.56 7.68
N LYS B 174 16.79 5.15 7.88
CA LYS B 174 17.70 4.93 6.76
C LYS B 174 18.03 3.48 6.46
N ASP B 175 17.71 2.54 7.35
CA ASP B 175 17.81 1.13 6.95
C ASP B 175 16.62 0.31 7.40
N SER B 176 15.59 0.93 7.98
CA SER B 176 14.36 0.26 8.40
C SER B 176 14.60 -0.89 9.39
N THR B 177 15.62 -0.78 10.24
CA THR B 177 15.88 -1.80 11.26
C THR B 177 15.58 -1.28 12.66
N TYR B 178 15.55 -2.22 13.60
CA TYR B 178 15.38 -1.94 15.02
C TYR B 178 16.62 -2.37 15.76
N SER B 179 16.78 -1.82 16.96
CA SER B 179 17.75 -2.32 17.92
C SER B 179 17.06 -2.48 19.27
N LEU B 180 17.66 -3.30 20.10
CA LEU B 180 17.06 -3.69 21.36
C LEU B 180 18.15 -3.77 22.40
N SER B 181 17.88 -3.26 23.59
CA SER B 181 18.77 -3.41 24.74
C SER B 181 18.01 -4.11 25.85
N SER B 182 18.59 -5.16 26.39
CA SER B 182 18.07 -5.84 27.57
C SER B 182 19.07 -5.67 28.70
N THR B 183 18.59 -5.23 29.86
CA THR B 183 19.45 -4.93 30.99
C THR B 183 19.12 -5.84 32.16
N LEU B 184 20.11 -6.59 32.61
CA LEU B 184 20.00 -7.47 33.77
C LEU B 184 20.61 -6.76 34.97
N THR B 185 19.83 -6.61 36.04
CA THR B 185 20.26 -5.90 37.23
C THR B 185 20.36 -6.85 38.42
N LEU B 186 21.51 -6.81 39.09
CA LEU B 186 21.75 -7.61 40.29
C LEU B 186 22.42 -6.72 41.33
N SER B 187 22.31 -7.15 42.60
CA SER B 187 23.20 -6.60 43.62
C SER B 187 24.65 -6.97 43.30
N LYS B 188 25.58 -6.15 43.79
CA LYS B 188 26.99 -6.46 43.59
C LYS B 188 27.35 -7.80 44.22
N ALA B 189 26.78 -8.06 45.40
CA ALA B 189 26.99 -9.35 46.08
C ALA B 189 26.56 -10.51 45.19
N ASP B 190 25.42 -10.40 44.53
CA ASP B 190 24.95 -11.50 43.69
C ASP B 190 25.82 -11.63 42.46
N TYR B 191 26.17 -10.49 41.85
CA TYR B 191 27.01 -10.51 40.67
C TYR B 191 28.32 -11.24 40.94
N GLU B 192 28.91 -10.97 42.10
CA GLU B 192 30.19 -11.55 42.43
C GLU B 192 30.10 -13.01 42.84
N LYS B 193 28.90 -13.58 42.96
CA LYS B 193 28.74 -14.98 43.33
C LYS B 193 28.70 -15.88 42.11
N HIS B 194 28.79 -15.32 40.91
CA HIS B 194 28.63 -16.13 39.72
C HIS B 194 29.75 -15.81 38.74
N LYS B 195 29.92 -16.72 37.78
CA LYS B 195 31.01 -16.64 36.82
C LYS B 195 30.49 -16.25 35.44
N VAL B 196 29.53 -16.99 34.90
CA VAL B 196 29.13 -16.87 33.50
C VAL B 196 27.86 -16.04 33.35
N TYR B 197 27.90 -15.02 32.51
CA TYR B 197 26.73 -14.18 32.18
C TYR B 197 26.48 -14.28 30.70
N ALA B 198 25.28 -14.72 30.31
CA ALA B 198 24.99 -15.01 28.92
C ALA B 198 23.62 -14.48 28.52
N CYS B 199 23.51 -14.15 27.22
N CYS B 199 23.52 -13.99 27.30
CA CYS B 199 22.30 -13.61 26.63
CA CYS B 199 22.20 -13.72 26.76
C CYS B 199 21.99 -14.43 25.38
C CYS B 199 22.02 -14.54 25.50
N GLU B 200 20.84 -15.10 25.36
CA GLU B 200 20.49 -15.97 24.25
C GLU B 200 19.32 -15.32 23.51
N VAL B 201 19.50 -15.14 22.19
CA VAL B 201 18.60 -14.33 21.37
C VAL B 201 17.92 -15.24 20.37
N THR B 202 16.59 -15.13 20.29
CA THR B 202 15.80 -15.84 19.30
C THR B 202 15.24 -14.82 18.32
N HIS B 203 15.46 -15.05 17.02
CA HIS B 203 14.99 -14.11 16.02
C HIS B 203 14.81 -14.85 14.71
N GLN B 204 13.78 -14.43 13.96
CA GLN B 204 13.42 -15.00 12.67
C GLN B 204 14.61 -15.11 11.73
N GLY B 205 15.53 -14.15 11.81
CA GLY B 205 16.71 -14.18 10.99
C GLY B 205 17.83 -15.10 11.42
N LEU B 206 17.63 -15.89 12.49
CA LEU B 206 18.66 -16.77 13.02
C LEU B 206 18.21 -18.22 12.87
N SER B 207 19.09 -19.06 12.32
CA SER B 207 18.91 -20.51 12.27
C SER B 207 18.44 -21.04 13.61
N SER B 208 19.30 -20.92 14.60
CA SER B 208 19.06 -21.33 15.98
C SER B 208 19.31 -20.14 16.87
N PRO B 209 18.82 -20.14 18.11
CA PRO B 209 19.14 -19.06 19.03
C PRO B 209 20.65 -18.89 19.17
N VAL B 210 21.08 -17.63 19.19
CA VAL B 210 22.48 -17.26 19.35
C VAL B 210 22.71 -16.89 20.81
N THR B 211 23.86 -17.28 21.35
CA THR B 211 24.26 -16.94 22.70
C THR B 211 25.50 -16.06 22.65
N LYS B 212 25.50 -15.03 23.50
CA LYS B 212 26.66 -14.19 23.74
C LYS B 212 26.94 -14.19 25.24
N SER B 213 28.20 -14.41 25.62
CA SER B 213 28.51 -14.56 27.04
C SER B 213 29.85 -13.93 27.37
N PHE B 214 30.06 -13.67 28.66
CA PHE B 214 31.38 -13.41 29.19
C PHE B 214 31.49 -14.17 30.50
N ASN B 215 32.72 -14.31 30.96
CA ASN B 215 33.04 -14.96 32.22
C ASN B 215 33.78 -13.93 33.07
N ARG B 216 33.29 -13.68 34.28
CA ARG B 216 33.97 -12.73 35.17
C ARG B 216 35.38 -13.18 35.50
N GLY B 217 35.65 -14.48 35.41
CA GLY B 217 36.96 -14.98 35.77
C GLY B 217 38.06 -14.63 34.79
N GLU B 218 37.71 -14.02 33.66
CA GLU B 218 38.74 -13.54 32.74
C GLU B 218 39.30 -12.20 33.22
N GLN C 6 -31.33 7.86 -28.95
CA GLN C 6 -30.23 7.11 -28.33
C GLN C 6 -28.94 7.27 -29.13
N VAL C 7 -27.94 7.86 -28.48
CA VAL C 7 -26.63 8.05 -29.11
C VAL C 7 -25.92 6.72 -29.28
N GLN C 8 -25.33 6.49 -30.45
CA GLN C 8 -24.65 5.25 -30.70
C GLN C 8 -23.51 5.49 -31.68
N LEU C 9 -22.41 4.75 -31.48
CA LEU C 9 -21.27 4.77 -32.39
C LEU C 9 -20.92 3.34 -32.71
N LYS C 10 -20.99 2.96 -33.98
CA LYS C 10 -20.70 1.60 -34.40
C LYS C 10 -19.52 1.60 -35.36
N GLN C 11 -18.54 0.74 -35.10
CA GLN C 11 -17.26 0.72 -35.81
C GLN C 11 -17.18 -0.48 -36.74
N SER C 12 -16.37 -0.37 -37.79
CA SER C 12 -16.11 -1.54 -38.60
C SER C 12 -15.33 -2.61 -37.79
N GLY C 13 -15.16 -3.79 -38.40
CA GLY C 13 -14.76 -4.98 -37.66
C GLY C 13 -13.27 -5.16 -37.45
N PRO C 14 -12.90 -6.09 -36.56
CA PRO C 14 -11.49 -6.27 -36.21
C PRO C 14 -10.74 -6.95 -37.35
N GLY C 15 -9.43 -6.76 -37.37
CA GLY C 15 -8.68 -7.44 -38.40
C GLY C 15 -7.20 -7.12 -38.36
N LEU C 16 -6.56 -7.55 -39.43
CA LEU C 16 -5.14 -7.59 -39.55
C LEU C 16 -4.71 -6.61 -40.64
N VAL C 17 -3.60 -5.91 -40.41
CA VAL C 17 -2.99 -5.08 -41.44
C VAL C 17 -1.48 -5.27 -41.38
N ALA C 18 -0.80 -5.27 -42.55
CA ALA C 18 0.61 -5.56 -42.57
C ALA C 18 1.43 -4.33 -42.19
N PRO C 19 2.63 -4.53 -41.64
CA PRO C 19 3.50 -3.39 -41.35
C PRO C 19 3.78 -2.63 -42.63
N SER C 20 4.06 -1.34 -42.48
CA SER C 20 4.34 -0.42 -43.59
C SER C 20 3.09 -0.15 -44.44
N GLN C 21 1.99 -0.88 -44.20
CA GLN C 21 0.73 -0.62 -44.89
C GLN C 21 -0.09 0.37 -44.07
N SER C 22 -1.40 0.41 -44.29
CA SER C 22 -2.23 1.41 -43.64
C SER C 22 -3.50 0.78 -43.12
N LEU C 23 -3.98 1.29 -42.00
CA LEU C 23 -5.27 0.86 -41.48
C LEU C 23 -6.32 1.89 -41.85
N SER C 24 -7.57 1.43 -41.94
CA SER C 24 -8.69 2.31 -42.18
C SER C 24 -9.85 1.77 -41.36
N ILE C 25 -10.43 2.61 -40.50
CA ILE C 25 -11.55 2.24 -39.64
C ILE C 25 -12.66 3.22 -39.89
N THR C 26 -13.90 2.73 -39.92
CA THR C 26 -15.09 3.55 -40.13
C THR C 26 -15.88 3.61 -38.83
N CYS C 27 -16.35 4.79 -38.48
CA CYS C 27 -17.20 4.95 -37.32
C CYS C 27 -18.54 5.50 -37.81
N THR C 28 -19.61 4.74 -37.65
CA THR C 28 -20.94 5.19 -38.07
C THR C 28 -21.73 5.58 -36.84
N VAL C 29 -22.22 6.80 -36.84
CA VAL C 29 -22.89 7.33 -35.65
C VAL C 29 -24.39 7.40 -35.87
N SER C 30 -25.12 7.29 -34.76
CA SER C 30 -26.57 7.27 -34.67
C SER C 30 -26.99 8.14 -33.47
N GLY C 31 -28.18 8.74 -33.53
CA GLY C 31 -28.66 9.51 -32.39
C GLY C 31 -28.07 10.90 -32.23
N PHE C 32 -27.12 11.29 -33.07
CA PHE C 32 -26.67 12.68 -33.12
C PHE C 32 -26.12 12.94 -34.50
N SER C 33 -25.93 14.21 -34.79
CA SER C 33 -25.43 14.64 -36.08
C SER C 33 -23.97 15.03 -35.95
N LEU C 34 -23.17 14.65 -36.94
CA LEU C 34 -21.76 15.06 -36.97
C LEU C 34 -21.63 16.56 -37.17
N THR C 35 -22.69 17.26 -37.58
CA THR C 35 -22.65 18.71 -37.64
C THR C 35 -22.83 19.36 -36.28
N SER C 36 -23.01 18.57 -35.23
CA SER C 36 -23.12 19.13 -33.89
C SER C 36 -21.99 18.76 -32.94
N PHE C 37 -21.32 17.63 -33.14
CA PHE C 37 -20.34 17.16 -32.17
C PHE C 37 -19.08 16.64 -32.83
N GLY C 38 -17.94 16.89 -32.20
CA GLY C 38 -16.70 16.32 -32.70
C GLY C 38 -16.59 14.85 -32.33
N VAL C 39 -15.93 14.09 -33.21
CA VAL C 39 -15.69 12.68 -32.95
C VAL C 39 -14.17 12.48 -32.90
N HIS C 40 -13.72 11.80 -31.85
CA HIS C 40 -12.32 11.54 -31.56
C HIS C 40 -12.01 10.06 -31.79
N TRP C 41 -10.72 9.78 -31.90
CA TRP C 41 -10.19 8.43 -31.94
C TRP C 41 -9.20 8.26 -30.79
N VAL C 42 -9.35 7.13 -30.09
CA VAL C 42 -8.52 6.76 -28.95
C VAL C 42 -8.16 5.29 -29.15
N ARG C 43 -6.95 4.89 -28.76
CA ARG C 43 -6.59 3.48 -28.84
C ARG C 43 -6.07 2.98 -27.50
N GLN C 44 -6.21 1.67 -27.30
CA GLN C 44 -5.69 1.03 -26.09
C GLN C 44 -4.78 -0.09 -26.54
N PRO C 45 -3.45 0.10 -26.48
CA PRO C 45 -2.53 -1.00 -26.81
C PRO C 45 -2.61 -2.07 -25.76
N PRO C 46 -2.21 -3.30 -26.09
CA PRO C 46 -2.25 -4.40 -25.11
C PRO C 46 -1.48 -4.01 -23.86
N GLY C 47 -2.12 -4.24 -22.70
CA GLY C 47 -1.48 -3.93 -21.42
C GLY C 47 -1.00 -2.51 -21.28
N LYS C 48 -1.73 -1.55 -21.85
CA LYS C 48 -1.39 -0.14 -21.70
C LYS C 48 -2.67 0.66 -21.46
N GLY C 49 -2.48 1.94 -21.11
CA GLY C 49 -3.59 2.83 -20.95
C GLY C 49 -4.05 3.42 -22.28
N LEU C 50 -5.06 4.26 -22.20
CA LEU C 50 -5.64 4.86 -23.38
C LEU C 50 -4.70 5.91 -23.97
N GLU C 51 -4.74 6.06 -25.31
N GLU C 51 -4.79 6.09 -25.29
CA GLU C 51 -3.98 7.08 -26.02
CA GLU C 51 -3.99 7.07 -26.01
C GLU C 51 -4.93 7.80 -26.97
C GLU C 51 -4.89 7.80 -26.99
N TRP C 52 -5.02 9.11 -26.83
CA TRP C 52 -5.87 9.92 -27.70
C TRP C 52 -5.14 10.17 -29.01
N LEU C 53 -5.81 9.90 -30.13
CA LEU C 53 -5.16 10.02 -31.43
C LEU C 53 -5.47 11.31 -32.14
N GLY C 54 -6.72 11.76 -32.07
CA GLY C 54 -7.11 12.94 -32.80
C GLY C 54 -8.61 13.05 -32.79
N VAL C 55 -9.09 14.12 -33.44
CA VAL C 55 -10.50 14.48 -33.41
C VAL C 55 -10.83 15.19 -34.72
N ILE C 56 -12.04 14.98 -35.23
CA ILE C 56 -12.60 15.86 -36.25
C ILE C 56 -13.82 16.56 -35.64
N TRP C 57 -13.73 17.88 -35.52
CA TRP C 57 -14.74 18.68 -34.86
C TRP C 57 -15.98 18.80 -35.75
N ALA C 58 -17.07 19.28 -35.14
CA ALA C 58 -18.32 19.37 -35.88
C ALA C 58 -18.16 20.25 -37.11
N VAL C 59 -17.50 21.40 -36.95
CA VAL C 59 -17.29 22.35 -38.05
C VAL C 59 -16.30 21.86 -39.09
N GLY C 60 -15.62 20.75 -38.84
CA GLY C 60 -14.74 20.16 -39.82
C GLY C 60 -13.26 20.35 -39.57
N SER C 61 -12.89 21.19 -38.60
CA SER C 61 -11.50 21.31 -38.20
C SER C 61 -11.02 20.01 -37.55
N THR C 62 -9.70 19.82 -37.52
CA THR C 62 -9.10 18.60 -36.97
C THR C 62 -7.94 18.94 -36.06
N ASN C 63 -7.65 18.04 -35.13
CA ASN C 63 -6.46 18.10 -34.31
C ASN C 63 -5.92 16.70 -34.08
N TYR C 64 -4.60 16.59 -33.94
CA TYR C 64 -3.94 15.30 -33.84
C TYR C 64 -2.97 15.29 -32.69
N ASN C 65 -2.75 14.08 -32.18
CA ASN C 65 -1.65 13.77 -31.27
C ASN C 65 -0.32 13.96 -32.00
N SER C 66 0.50 14.87 -31.49
CA SER C 66 1.75 15.21 -32.17
C SER C 66 2.71 14.05 -32.26
N ALA C 67 2.53 13.01 -31.42
CA ALA C 67 3.38 11.84 -31.51
C ALA C 67 3.05 10.99 -32.72
N LEU C 68 1.89 11.20 -33.33
CA LEU C 68 1.44 10.33 -34.40
C LEU C 68 1.00 11.08 -35.63
N MET C 69 1.01 12.42 -35.61
CA MET C 69 0.36 13.16 -36.69
C MET C 69 1.04 12.96 -38.04
N SER C 70 2.30 12.54 -38.09
CA SER C 70 2.91 12.39 -39.42
C SER C 70 2.25 11.28 -40.23
N ARG C 71 1.60 10.31 -39.59
CA ARG C 71 1.05 9.17 -40.29
C ARG C 71 -0.45 9.03 -40.08
N LEU C 72 -1.12 10.05 -39.58
CA LEU C 72 -2.51 9.96 -39.16
C LEU C 72 -3.39 10.90 -39.99
N SER C 73 -4.61 10.45 -40.31
CA SER C 73 -5.56 11.31 -41.01
C SER C 73 -6.98 10.96 -40.59
N ILE C 74 -7.75 11.96 -40.17
CA ILE C 74 -9.12 11.75 -39.72
C ILE C 74 -10.03 12.61 -40.58
N SER C 75 -11.08 12.00 -41.12
CA SER C 75 -12.02 12.70 -41.97
C SER C 75 -13.42 12.16 -41.73
N LYS C 76 -14.42 12.82 -42.35
CA LYS C 76 -15.79 12.39 -42.14
C LYS C 76 -16.64 12.67 -43.36
N ASP C 77 -17.84 12.06 -43.34
CA ASP C 77 -18.89 12.33 -44.33
C ASP C 77 -20.15 12.63 -43.53
N ASN C 78 -20.50 13.92 -43.46
CA ASN C 78 -21.64 14.34 -42.63
C ASN C 78 -22.92 13.67 -43.07
N SER C 79 -23.22 13.71 -44.38
CA SER C 79 -24.49 13.18 -44.87
C SER C 79 -24.62 11.69 -44.58
N LYS C 80 -23.51 10.96 -44.48
CA LYS C 80 -23.56 9.53 -44.20
C LYS C 80 -23.38 9.21 -42.72
N SER C 81 -23.16 10.23 -41.87
CA SER C 81 -22.92 9.99 -40.44
C SER C 81 -21.74 9.03 -40.23
N GLN C 82 -20.70 9.20 -41.03
CA GLN C 82 -19.51 8.36 -40.93
C GLN C 82 -18.27 9.20 -40.66
N VAL C 83 -17.40 8.67 -39.78
CA VAL C 83 -16.09 9.23 -39.48
C VAL C 83 -15.04 8.18 -39.81
N PHE C 84 -13.93 8.61 -40.40
CA PHE C 84 -12.90 7.71 -40.87
C PHE C 84 -11.59 7.98 -40.18
N LEU C 85 -10.95 6.92 -39.69
CA LEU C 85 -9.57 6.97 -39.21
C LEU C 85 -8.70 6.25 -40.23
N LYS C 86 -7.60 6.87 -40.64
CA LYS C 86 -6.60 6.21 -41.46
C LYS C 86 -5.22 6.47 -40.88
N MET C 87 -4.40 5.43 -40.84
CA MET C 87 -3.05 5.51 -40.30
C MET C 87 -2.12 4.66 -41.15
N ASN C 88 -0.98 5.21 -41.57
CA ASN C 88 -0.06 4.44 -42.40
C ASN C 88 1.30 4.33 -41.70
N SER C 89 2.28 3.83 -42.44
CA SER C 89 3.61 3.47 -41.90
C SER C 89 3.48 2.72 -40.58
N LEU C 90 2.64 1.70 -40.58
CA LEU C 90 2.30 1.03 -39.34
C LEU C 90 3.48 0.24 -38.78
N GLN C 91 3.61 0.27 -37.47
CA GLN C 91 4.61 -0.49 -36.74
C GLN C 91 3.93 -1.55 -35.90
N ILE C 92 4.73 -2.51 -35.42
CA ILE C 92 4.15 -3.59 -34.62
C ILE C 92 3.41 -3.03 -33.42
N ASP C 93 3.94 -1.96 -32.80
CA ASP C 93 3.27 -1.43 -31.62
C ASP C 93 2.08 -0.52 -31.94
N ASP C 94 1.65 -0.46 -33.21
CA ASP C 94 0.33 0.09 -33.47
C ASP C 94 -0.80 -0.91 -33.22
N THR C 95 -0.48 -2.16 -32.88
CA THR C 95 -1.52 -3.12 -32.49
C THR C 95 -2.25 -2.62 -31.24
N ALA C 96 -3.58 -2.57 -31.31
CA ALA C 96 -4.34 -1.96 -30.22
C ALA C 96 -5.82 -2.13 -30.50
N MET C 97 -6.62 -1.89 -29.46
CA MET C 97 -8.06 -1.66 -29.61
C MET C 97 -8.30 -0.20 -29.97
N TYR C 98 -8.92 0.08 -31.11
CA TYR C 98 -9.22 1.44 -31.54
C TYR C 98 -10.68 1.78 -31.26
N TYR C 99 -10.92 2.90 -30.60
CA TYR C 99 -12.28 3.37 -30.32
C TYR C 99 -12.52 4.74 -30.97
N CYS C 100 -13.71 4.96 -31.50
CA CYS C 100 -14.19 6.32 -31.69
C CYS C 100 -15.00 6.74 -30.47
N ALA C 101 -14.96 8.02 -30.14
CA ALA C 101 -15.69 8.54 -28.99
C ALA C 101 -16.08 9.99 -29.21
N THR C 102 -17.08 10.44 -28.46
CA THR C 102 -17.43 11.85 -28.53
C THR C 102 -17.72 12.36 -27.12
N TYR C 103 -17.41 13.65 -26.89
CA TYR C 103 -17.85 14.31 -25.67
C TYR C 103 -19.37 14.46 -25.61
N GLY C 104 -20.02 14.54 -26.77
CA GLY C 104 -21.37 15.07 -26.76
C GLY C 104 -21.38 16.42 -26.06
N ASN C 105 -22.33 16.61 -25.15
CA ASN C 105 -22.50 17.86 -24.43
C ASN C 105 -21.71 17.92 -23.13
N TYR C 106 -20.77 17.01 -22.92
CA TYR C 106 -20.12 16.84 -21.63
C TYR C 106 -18.65 17.20 -21.72
N GLY C 107 -17.93 17.04 -20.60
CA GLY C 107 -16.53 17.45 -20.52
C GLY C 107 -15.51 16.36 -20.69
N GLY C 108 -15.97 15.12 -20.90
CA GLY C 108 -15.10 14.01 -21.19
C GLY C 108 -15.78 13.10 -22.19
N PHE C 109 -15.10 11.99 -22.49
CA PHE C 109 -15.62 11.06 -23.48
C PHE C 109 -16.81 10.30 -22.91
N ALA C 110 -18.01 10.84 -23.17
CA ALA C 110 -19.24 10.30 -22.62
C ALA C 110 -19.79 9.15 -23.47
N TYR C 111 -19.47 9.10 -24.76
CA TYR C 111 -20.00 8.06 -25.64
C TYR C 111 -18.86 7.40 -26.40
N TRP C 112 -18.81 6.07 -26.38
CA TRP C 112 -17.73 5.32 -27.01
C TRP C 112 -18.29 4.28 -27.98
N GLY C 113 -17.54 4.06 -29.06
CA GLY C 113 -17.79 2.90 -29.91
C GLY C 113 -17.45 1.61 -29.18
N GLN C 114 -17.74 0.51 -29.85
CA GLN C 114 -17.50 -0.81 -29.25
C GLN C 114 -16.05 -1.25 -29.43
N GLY C 115 -15.24 -0.53 -30.20
CA GLY C 115 -13.85 -0.91 -30.36
C GLY C 115 -13.58 -1.74 -31.59
N THR C 116 -12.41 -1.52 -32.20
CA THR C 116 -11.92 -2.29 -33.32
C THR C 116 -10.53 -2.80 -32.98
N LEU C 117 -10.38 -4.11 -32.87
CA LEU C 117 -9.09 -4.73 -32.57
C LEU C 117 -8.27 -4.81 -33.86
N VAL C 118 -7.21 -4.02 -33.94
CA VAL C 118 -6.33 -4.02 -35.10
C VAL C 118 -5.02 -4.70 -34.70
N THR C 119 -4.65 -5.73 -35.44
CA THR C 119 -3.41 -6.45 -35.21
C THR C 119 -2.49 -6.13 -36.38
N VAL C 120 -1.27 -5.69 -36.07
CA VAL C 120 -0.29 -5.34 -37.10
C VAL C 120 0.63 -6.54 -37.26
N SER C 121 0.55 -7.17 -38.42
CA SER C 121 1.33 -8.36 -38.67
C SER C 121 1.28 -8.67 -40.15
N SER C 122 2.34 -9.30 -40.63
CA SER C 122 2.41 -9.79 -42.00
C SER C 122 1.64 -11.08 -42.21
N ALA C 123 1.12 -11.69 -41.13
CA ALA C 123 0.47 -12.98 -41.27
C ALA C 123 -0.78 -12.89 -42.13
N SER C 124 -1.25 -14.06 -42.53
CA SER C 124 -2.54 -14.21 -43.15
C SER C 124 -3.54 -14.58 -42.08
N THR C 125 -4.82 -14.45 -42.40
N THR C 125 -4.81 -14.36 -42.39
CA THR C 125 -5.90 -14.70 -41.45
CA THR C 125 -5.85 -14.77 -41.47
C THR C 125 -6.30 -16.18 -41.48
C THR C 125 -5.92 -16.29 -41.44
N LYS C 126 -6.34 -16.81 -40.28
CA LYS C 126 -6.60 -18.25 -40.16
C LYS C 126 -7.74 -18.47 -39.19
N GLY C 127 -8.78 -19.18 -39.63
CA GLY C 127 -9.89 -19.53 -38.78
C GLY C 127 -9.60 -20.67 -37.81
N PRO C 128 -10.37 -20.74 -36.73
CA PRO C 128 -10.09 -21.72 -35.68
C PRO C 128 -10.59 -23.11 -36.03
N SER C 129 -9.91 -24.11 -35.47
CA SER C 129 -10.45 -25.46 -35.35
C SER C 129 -11.07 -25.59 -33.97
N VAL C 130 -12.25 -26.21 -33.91
CA VAL C 130 -13.03 -26.24 -32.68
C VAL C 130 -13.25 -27.69 -32.27
N PHE C 131 -12.79 -28.05 -31.08
CA PHE C 131 -12.90 -29.42 -30.56
C PHE C 131 -13.71 -29.47 -29.28
N PRO C 132 -14.47 -30.54 -29.06
CA PRO C 132 -15.24 -30.64 -27.82
C PRO C 132 -14.37 -30.93 -26.62
N LEU C 133 -14.78 -30.39 -25.49
CA LEU C 133 -14.32 -30.79 -24.17
C LEU C 133 -15.52 -31.55 -23.57
N ALA C 134 -15.55 -32.85 -23.79
CA ALA C 134 -16.74 -33.65 -23.48
C ALA C 134 -16.88 -33.86 -21.98
N PRO C 135 -18.08 -33.69 -21.42
CA PRO C 135 -18.28 -34.05 -20.02
C PRO C 135 -18.20 -35.56 -19.82
N SER C 136 -17.70 -35.93 -18.66
CA SER C 136 -17.46 -37.34 -18.37
C SER C 136 -17.46 -37.50 -16.85
N SER C 137 -17.31 -38.74 -16.40
N SER C 137 -17.33 -38.74 -16.39
CA SER C 137 -17.13 -39.00 -14.97
CA SER C 137 -17.14 -38.98 -14.97
C SER C 137 -15.95 -38.22 -14.41
C SER C 137 -15.98 -38.16 -14.41
N LYS C 138 -14.96 -37.92 -15.23
CA LYS C 138 -13.80 -37.14 -14.82
C LYS C 138 -14.05 -35.64 -14.80
N SER C 139 -15.16 -35.19 -15.39
CA SER C 139 -15.56 -33.79 -15.37
C SER C 139 -16.89 -33.63 -14.64
N THR C 140 -17.13 -34.48 -13.65
CA THR C 140 -18.30 -34.39 -12.77
C THR C 140 -17.78 -34.22 -11.35
N SER C 141 -18.36 -33.28 -10.60
CA SER C 141 -17.97 -32.99 -9.22
C SER C 141 -19.26 -32.95 -8.41
N GLY C 142 -19.64 -34.08 -7.84
CA GLY C 142 -20.92 -34.19 -7.18
C GLY C 142 -22.03 -34.14 -8.20
N GLY C 143 -22.95 -33.19 -8.04
CA GLY C 143 -24.03 -32.95 -8.99
C GLY C 143 -23.72 -31.95 -10.08
N THR C 144 -22.45 -31.61 -10.28
CA THR C 144 -22.03 -30.62 -11.26
C THR C 144 -21.17 -31.27 -12.33
N ALA C 145 -21.51 -31.03 -13.59
CA ALA C 145 -20.67 -31.44 -14.71
C ALA C 145 -20.11 -30.22 -15.42
N ALA C 146 -18.90 -30.36 -15.95
CA ALA C 146 -18.29 -29.32 -16.74
C ALA C 146 -18.10 -29.81 -18.17
N LEU C 147 -18.29 -28.91 -19.11
CA LEU C 147 -18.02 -29.22 -20.50
C LEU C 147 -17.50 -27.96 -21.16
N GLY C 148 -17.00 -28.10 -22.38
CA GLY C 148 -16.45 -26.93 -23.02
C GLY C 148 -16.11 -27.19 -24.46
N CYS C 149 -15.46 -26.20 -25.06
N CYS C 149 -15.47 -26.21 -25.07
CA CYS C 149 -14.95 -26.28 -26.41
CA CYS C 149 -14.93 -26.36 -26.40
C CYS C 149 -13.54 -25.72 -26.44
C CYS C 149 -13.55 -25.72 -26.46
N LEU C 150 -12.68 -26.32 -27.27
CA LEU C 150 -11.31 -25.90 -27.44
C LEU C 150 -11.21 -25.24 -28.81
N VAL C 151 -10.82 -23.98 -28.83
CA VAL C 151 -10.78 -23.14 -30.02
C VAL C 151 -9.32 -22.92 -30.35
N LYS C 152 -8.84 -23.56 -31.41
CA LYS C 152 -7.40 -23.74 -31.57
C LYS C 152 -6.88 -23.23 -32.92
N ASP C 153 -5.70 -22.62 -32.87
CA ASP C 153 -4.87 -22.35 -34.05
C ASP C 153 -5.52 -21.31 -34.97
N TYR C 154 -5.91 -20.17 -34.41
CA TYR C 154 -6.49 -19.10 -35.21
C TYR C 154 -5.61 -17.85 -35.15
N PHE C 155 -5.83 -16.95 -36.12
CA PHE C 155 -5.12 -15.69 -36.13
C PHE C 155 -5.89 -14.73 -37.02
N PRO C 156 -6.02 -13.44 -36.64
CA PRO C 156 -5.57 -12.89 -35.36
C PRO C 156 -6.69 -12.95 -34.36
N GLU C 157 -6.48 -12.38 -33.18
CA GLU C 157 -7.59 -12.13 -32.28
C GLU C 157 -8.58 -11.17 -32.95
N PRO C 158 -9.86 -11.18 -32.52
CA PRO C 158 -10.45 -12.00 -31.47
C PRO C 158 -11.39 -13.09 -31.98
N VAL C 159 -11.80 -14.00 -31.10
CA VAL C 159 -12.92 -14.91 -31.34
C VAL C 159 -13.94 -14.64 -30.27
N THR C 160 -15.20 -14.80 -30.62
CA THR C 160 -16.29 -14.76 -29.66
C THR C 160 -16.86 -16.17 -29.52
N VAL C 161 -17.14 -16.56 -28.28
CA VAL C 161 -17.77 -17.84 -27.98
C VAL C 161 -19.06 -17.60 -27.23
N SER C 162 -20.14 -18.21 -27.69
CA SER C 162 -21.39 -18.22 -26.96
C SER C 162 -21.82 -19.68 -26.83
N TRP C 163 -22.77 -19.92 -25.93
CA TRP C 163 -23.31 -21.25 -25.70
C TRP C 163 -24.80 -21.23 -25.98
N ASN C 164 -25.26 -22.22 -26.75
CA ASN C 164 -26.67 -22.35 -27.11
C ASN C 164 -27.22 -21.01 -27.60
N SER C 165 -26.46 -20.39 -28.49
CA SER C 165 -26.82 -19.16 -29.20
C SER C 165 -26.96 -17.95 -28.28
N GLY C 166 -26.49 -18.05 -27.04
CA GLY C 166 -26.61 -16.98 -26.07
C GLY C 166 -27.62 -17.26 -24.98
N ALA C 167 -28.45 -18.30 -25.12
CA ALA C 167 -29.42 -18.64 -24.09
C ALA C 167 -28.75 -19.13 -22.80
N LEU C 168 -27.54 -19.66 -22.89
CA LEU C 168 -26.82 -20.21 -21.74
C LEU C 168 -25.66 -19.27 -21.43
N THR C 169 -25.75 -18.52 -20.34
CA THR C 169 -24.64 -17.63 -20.00
C THR C 169 -24.20 -17.88 -18.57
N SER C 170 -25.12 -18.33 -17.73
CA SER C 170 -24.77 -18.64 -16.35
C SER C 170 -23.78 -19.78 -16.32
N GLY C 171 -22.68 -19.59 -15.61
CA GLY C 171 -21.68 -20.62 -15.43
C GLY C 171 -20.62 -20.67 -16.49
N VAL C 172 -20.69 -19.80 -17.48
CA VAL C 172 -19.77 -19.84 -18.61
C VAL C 172 -18.48 -19.09 -18.26
N HIS C 173 -17.35 -19.71 -18.53
CA HIS C 173 -16.05 -19.05 -18.44
C HIS C 173 -15.35 -19.20 -19.76
N THR C 174 -15.09 -18.08 -20.43
CA THR C 174 -14.30 -18.11 -21.65
C THR C 174 -12.93 -17.53 -21.34
N PHE C 175 -11.91 -18.34 -21.49
CA PHE C 175 -10.59 -17.96 -21.04
C PHE C 175 -9.90 -17.02 -22.01
N PRO C 176 -9.08 -16.10 -21.51
CA PRO C 176 -8.19 -15.33 -22.38
C PRO C 176 -7.37 -16.27 -23.24
N ALA C 177 -7.20 -15.90 -24.50
CA ALA C 177 -6.44 -16.71 -25.44
C ALA C 177 -4.95 -16.68 -25.09
N VAL C 178 -4.24 -17.75 -25.47
CA VAL C 178 -2.79 -17.80 -25.30
C VAL C 178 -2.13 -17.93 -26.66
N LEU C 179 -0.98 -17.26 -26.81
CA LEU C 179 -0.18 -17.37 -28.02
C LEU C 179 0.56 -18.70 -28.00
N GLN C 180 0.37 -19.51 -29.02
CA GLN C 180 1.14 -20.74 -29.04
C GLN C 180 2.50 -20.47 -29.68
N SER C 181 3.40 -21.44 -29.55
CA SER C 181 4.74 -21.26 -30.11
C SER C 181 4.73 -21.17 -31.62
N SER C 182 3.64 -21.60 -32.27
CA SER C 182 3.50 -21.40 -33.70
C SER C 182 3.20 -19.96 -34.06
N GLY C 183 2.82 -19.13 -33.08
CA GLY C 183 2.36 -17.79 -33.35
C GLY C 183 0.86 -17.66 -33.54
N LEU C 184 0.12 -18.78 -33.47
CA LEU C 184 -1.33 -18.83 -33.54
C LEU C 184 -1.91 -18.81 -32.13
N TYR C 185 -3.17 -18.41 -32.02
CA TYR C 185 -3.85 -18.37 -30.74
C TYR C 185 -4.65 -19.65 -30.47
N SER C 186 -4.91 -19.89 -29.19
CA SER C 186 -5.77 -20.96 -28.74
C SER C 186 -6.48 -20.51 -27.45
N LEU C 187 -7.74 -20.94 -27.27
CA LEU C 187 -8.45 -20.69 -26.02
C LEU C 187 -9.44 -21.82 -25.76
N SER C 188 -9.97 -21.83 -24.55
CA SER C 188 -11.03 -22.75 -24.15
C SER C 188 -12.20 -21.96 -23.59
N SER C 189 -13.40 -22.48 -23.79
CA SER C 189 -14.55 -21.88 -23.15
C SER C 189 -15.31 -23.03 -22.51
N VAL C 190 -15.70 -22.87 -21.25
CA VAL C 190 -16.27 -23.95 -20.48
C VAL C 190 -17.57 -23.46 -19.87
N VAL C 191 -18.41 -24.41 -19.48
CA VAL C 191 -19.60 -24.11 -18.73
C VAL C 191 -19.84 -25.26 -17.74
N THR C 192 -20.34 -24.92 -16.55
CA THR C 192 -20.77 -25.91 -15.58
C THR C 192 -22.29 -25.98 -15.58
N VAL C 193 -22.83 -27.20 -15.60
CA VAL C 193 -24.27 -27.43 -15.64
C VAL C 193 -24.60 -28.56 -14.65
N PRO C 194 -25.88 -28.77 -14.29
CA PRO C 194 -26.21 -29.96 -13.49
C PRO C 194 -25.90 -31.22 -14.27
N SER C 195 -25.20 -32.15 -13.61
CA SER C 195 -24.88 -33.41 -14.29
C SER C 195 -26.14 -34.13 -14.77
N SER C 196 -27.26 -33.98 -14.07
CA SER C 196 -28.48 -34.64 -14.52
C SER C 196 -29.05 -34.08 -15.81
N SER C 197 -28.56 -32.94 -16.29
CA SER C 197 -29.11 -32.36 -17.51
C SER C 197 -28.42 -32.87 -18.78
N LEU C 198 -27.34 -33.64 -18.64
CA LEU C 198 -26.55 -34.05 -19.80
C LEU C 198 -27.36 -34.93 -20.75
N GLY C 199 -28.36 -35.64 -20.23
CA GLY C 199 -29.13 -36.51 -21.10
C GLY C 199 -30.34 -35.88 -21.75
N THR C 200 -30.73 -34.69 -21.32
CA THR C 200 -31.91 -34.03 -21.85
C THR C 200 -31.64 -32.65 -22.46
N GLN C 201 -30.47 -32.07 -22.24
CA GLN C 201 -30.19 -30.74 -22.75
C GLN C 201 -29.02 -30.83 -23.73
N THR C 202 -29.22 -30.26 -24.92
CA THR C 202 -28.15 -30.15 -25.91
C THR C 202 -27.28 -28.94 -25.58
N TYR C 203 -25.96 -29.12 -25.65
CA TYR C 203 -25.02 -28.03 -25.42
C TYR C 203 -24.18 -27.82 -26.66
N ILE C 204 -24.29 -26.63 -27.23
CA ILE C 204 -23.61 -26.26 -28.45
C ILE C 204 -22.81 -24.99 -28.19
N CYS C 205 -21.51 -25.03 -28.49
N CYS C 205 -21.54 -25.00 -28.56
CA CYS C 205 -20.71 -23.83 -28.43
CA CYS C 205 -20.65 -23.84 -28.41
C CYS C 205 -20.72 -23.19 -29.81
C CYS C 205 -20.52 -23.15 -29.77
N ASN C 206 -20.92 -21.87 -29.84
CA ASN C 206 -20.92 -21.09 -31.08
C ASN C 206 -19.66 -20.24 -31.13
N VAL C 207 -18.83 -20.47 -32.14
CA VAL C 207 -17.54 -19.80 -32.28
C VAL C 207 -17.59 -18.92 -33.52
N ASN C 208 -17.24 -17.65 -33.38
CA ASN C 208 -17.18 -16.74 -34.52
C ASN C 208 -15.81 -16.07 -34.56
N HIS C 209 -15.19 -16.10 -35.75
CA HIS C 209 -13.90 -15.48 -36.04
C HIS C 209 -14.15 -14.51 -37.18
N LYS C 210 -14.49 -13.30 -36.78
CA LYS C 210 -14.86 -12.23 -37.70
C LYS C 210 -13.72 -11.84 -38.64
N PRO C 211 -12.43 -11.87 -38.24
CA PRO C 211 -11.35 -11.62 -39.22
C PRO C 211 -11.32 -12.60 -40.40
N SER C 212 -11.69 -13.85 -40.19
CA SER C 212 -11.74 -14.85 -41.25
C SER C 212 -13.16 -15.17 -41.68
N ASN C 213 -14.15 -14.46 -41.12
CA ASN C 213 -15.56 -14.73 -41.32
C ASN C 213 -15.89 -16.22 -41.26
N THR C 214 -15.40 -16.84 -40.19
CA THR C 214 -15.66 -18.23 -39.88
C THR C 214 -16.66 -18.25 -38.72
N LYS C 215 -17.71 -19.09 -38.88
CA LYS C 215 -18.67 -19.45 -37.84
C LYS C 215 -18.67 -20.95 -37.71
N VAL C 216 -18.55 -21.45 -36.48
CA VAL C 216 -18.59 -22.87 -36.20
C VAL C 216 -19.55 -23.07 -35.05
N ASP C 217 -20.44 -24.06 -35.17
CA ASP C 217 -21.26 -24.51 -34.06
C ASP C 217 -20.97 -25.97 -33.83
N LYS C 218 -20.46 -26.31 -32.65
CA LYS C 218 -20.11 -27.68 -32.32
C LYS C 218 -20.97 -28.13 -31.16
N LYS C 219 -21.72 -29.21 -31.38
CA LYS C 219 -22.36 -29.87 -30.25
C LYS C 219 -21.30 -30.56 -29.41
N VAL C 220 -21.43 -30.42 -28.09
CA VAL C 220 -20.54 -31.07 -27.14
C VAL C 220 -21.32 -32.21 -26.53
N GLU C 221 -20.97 -33.45 -26.90
CA GLU C 221 -21.68 -34.65 -26.48
C GLU C 221 -21.01 -35.29 -25.28
N PRO C 222 -21.77 -35.83 -24.34
CA PRO C 222 -21.15 -36.52 -23.19
C PRO C 222 -20.43 -37.80 -23.60
N LYS C 223 -19.29 -38.08 -22.96
CA LYS C 223 -18.66 -39.40 -23.12
C LYS C 223 -18.98 -40.33 -21.97
N ASP D 6 2.04 14.71 -23.36
CA ASP D 6 3.04 15.70 -23.01
C ASP D 6 2.72 16.27 -21.63
N ILE D 7 1.45 16.20 -21.25
CA ILE D 7 1.05 16.25 -19.85
C ILE D 7 0.87 14.80 -19.43
N GLN D 8 1.55 14.41 -18.37
CA GLN D 8 1.55 13.02 -17.93
C GLN D 8 0.57 12.92 -16.76
N MET D 9 -0.29 11.91 -16.83
CA MET D 9 -1.21 11.60 -15.75
C MET D 9 -0.70 10.34 -15.10
N THR D 10 -0.42 10.39 -13.81
CA THR D 10 0.12 9.27 -13.06
C THR D 10 -0.93 8.75 -12.09
N GLN D 11 -1.33 7.50 -12.26
CA GLN D 11 -2.32 6.91 -11.38
C GLN D 11 -1.65 6.06 -10.31
N SER D 12 -2.22 6.10 -9.11
CA SER D 12 -1.80 5.23 -8.04
C SER D 12 -3.03 4.83 -7.25
N PRO D 13 -3.05 3.60 -6.73
CA PRO D 13 -2.03 2.58 -6.98
C PRO D 13 -2.27 1.92 -8.33
N LYS D 14 -1.36 1.03 -8.77
CA LYS D 14 -1.59 0.36 -10.04
C LYS D 14 -2.66 -0.71 -9.90
N SER D 15 -2.80 -1.26 -8.70
CA SER D 15 -3.85 -2.24 -8.43
C SER D 15 -4.16 -2.22 -6.94
N MET D 16 -5.37 -2.61 -6.60
CA MET D 16 -5.71 -2.74 -5.20
C MET D 16 -6.76 -3.83 -5.04
N SER D 17 -6.85 -4.34 -3.83
CA SER D 17 -7.74 -5.43 -3.48
C SER D 17 -8.50 -4.99 -2.25
N MET D 18 -9.82 -4.86 -2.39
CA MET D 18 -10.66 -4.28 -1.36
C MET D 18 -11.81 -5.24 -1.04
N SER D 19 -12.34 -5.12 0.17
CA SER D 19 -13.52 -5.90 0.53
C SER D 19 -14.77 -5.10 0.24
N VAL D 20 -15.86 -5.81 -0.01
CA VAL D 20 -17.13 -5.17 -0.33
C VAL D 20 -17.52 -4.31 0.86
N GLY D 21 -18.04 -3.12 0.56
CA GLY D 21 -18.44 -2.18 1.59
C GLY D 21 -17.35 -1.27 2.11
N GLU D 22 -16.09 -1.52 1.75
CA GLU D 22 -15.02 -0.60 2.16
C GLU D 22 -15.06 0.68 1.33
N ARG D 23 -14.37 1.70 1.84
CA ARG D 23 -14.18 2.96 1.13
C ARG D 23 -12.96 2.84 0.25
N VAL D 24 -13.08 3.26 -1.00
CA VAL D 24 -11.99 3.19 -1.97
C VAL D 24 -11.58 4.62 -2.37
N THR D 25 -10.28 4.86 -2.45
CA THR D 25 -9.72 6.13 -2.91
C THR D 25 -8.70 5.87 -4.01
N LEU D 26 -8.96 6.38 -5.21
CA LEU D 26 -8.04 6.29 -6.33
C LEU D 26 -7.42 7.65 -6.59
N SER D 27 -6.12 7.67 -6.87
CA SER D 27 -5.38 8.93 -7.03
C SER D 27 -4.90 9.10 -8.46
N CYS D 28 -4.87 10.35 -8.89
CA CYS D 28 -4.33 10.71 -10.18
C CYS D 28 -3.59 12.04 -10.05
N LYS D 29 -2.39 12.10 -10.63
CA LYS D 29 -1.49 13.24 -10.48
C LYS D 29 -1.13 13.77 -11.86
N ALA D 30 -1.44 15.03 -12.11
CA ALA D 30 -1.05 15.66 -13.37
C ALA D 30 0.35 16.25 -13.24
N SER D 31 1.15 16.13 -14.30
CA SER D 31 2.51 16.68 -14.27
C SER D 31 2.55 18.22 -14.40
N GLU D 32 1.49 18.83 -14.90
CA GLU D 32 1.27 20.28 -14.91
C GLU D 32 -0.19 20.54 -14.55
N ASN D 33 -0.47 21.80 -14.22
CA ASN D 33 -1.83 22.22 -13.89
C ASN D 33 -2.79 21.93 -15.03
N VAL D 34 -3.82 21.12 -14.76
CA VAL D 34 -4.89 20.83 -15.72
C VAL D 34 -6.22 21.40 -15.24
N HIS D 35 -6.20 22.25 -14.23
CA HIS D 35 -7.38 22.94 -13.71
C HIS D 35 -8.42 21.89 -13.33
N THR D 36 -9.61 21.89 -13.94
CA THR D 36 -10.64 20.91 -13.60
C THR D 36 -10.99 20.01 -14.78
N TYR D 37 -10.15 19.97 -15.81
CA TYR D 37 -10.47 19.22 -17.02
C TYR D 37 -10.01 17.77 -16.89
N VAL D 38 -10.53 17.10 -15.88
CA VAL D 38 -10.11 15.74 -15.57
C VAL D 38 -11.34 14.83 -15.53
N SER D 39 -11.25 13.69 -16.20
CA SER D 39 -12.34 12.75 -16.22
C SER D 39 -11.90 11.40 -15.68
N TRP D 40 -12.85 10.65 -15.14
CA TRP D 40 -12.63 9.28 -14.69
C TRP D 40 -13.51 8.32 -15.48
N TYR D 41 -12.94 7.18 -15.83
CA TYR D 41 -13.62 6.18 -16.63
C TYR D 41 -13.53 4.82 -15.96
N GLN D 42 -14.61 4.05 -16.05
CA GLN D 42 -14.63 2.67 -15.59
C GLN D 42 -14.63 1.75 -16.81
N GLN D 43 -13.74 0.77 -16.79
CA GLN D 43 -13.64 -0.22 -17.86
C GLN D 43 -13.72 -1.61 -17.25
N LYS D 44 -14.81 -2.31 -17.49
CA LYS D 44 -15.02 -3.69 -17.07
C LYS D 44 -14.48 -4.64 -18.14
N PRO D 45 -14.18 -5.88 -17.80
CA PRO D 45 -13.55 -6.78 -18.78
C PRO D 45 -14.39 -6.88 -20.05
N GLU D 46 -13.72 -6.77 -21.20
CA GLU D 46 -14.33 -6.94 -22.51
C GLU D 46 -15.40 -5.90 -22.83
N GLN D 47 -15.27 -4.69 -22.27
CA GLN D 47 -16.19 -3.58 -22.54
C GLN D 47 -15.41 -2.32 -22.88
N SER D 48 -16.09 -1.39 -23.56
CA SER D 48 -15.53 -0.06 -23.76
C SER D 48 -15.45 0.69 -22.43
N PRO D 49 -14.54 1.64 -22.30
CA PRO D 49 -14.55 2.50 -21.11
C PRO D 49 -15.88 3.22 -20.99
N LYS D 50 -16.28 3.47 -19.75
CA LYS D 50 -17.49 4.23 -19.48
C LYS D 50 -17.17 5.42 -18.59
N LEU D 51 -17.75 6.56 -18.94
CA LEU D 51 -17.48 7.80 -18.22
C LEU D 51 -18.15 7.80 -16.86
N LEU D 52 -17.39 8.05 -15.80
CA LEU D 52 -17.97 8.21 -14.47
C LEU D 52 -18.07 9.67 -14.02
N ILE D 53 -16.97 10.40 -14.14
CA ILE D 53 -16.83 11.76 -13.64
C ILE D 53 -16.22 12.58 -14.76
N TYR D 54 -16.71 13.80 -14.93
CA TYR D 54 -16.05 14.74 -15.83
C TYR D 54 -15.92 16.08 -15.11
N GLY D 55 -15.03 16.93 -15.62
CA GLY D 55 -14.78 18.20 -14.97
C GLY D 55 -14.36 18.07 -13.52
N ALA D 56 -13.58 17.02 -13.22
CA ALA D 56 -13.02 16.69 -11.92
C ALA D 56 -14.09 16.21 -10.92
N SER D 57 -15.27 16.80 -10.92
CA SER D 57 -16.24 16.52 -9.87
C SER D 57 -17.67 16.25 -10.33
N ASN D 58 -18.00 16.42 -11.60
CA ASN D 58 -19.39 16.25 -12.04
C ASN D 58 -19.68 14.77 -12.29
N ARG D 59 -20.67 14.24 -11.59
CA ARG D 59 -21.08 12.87 -11.81
C ARG D 59 -21.86 12.79 -13.11
N TYR D 60 -21.49 11.85 -13.97
CA TYR D 60 -22.19 11.75 -15.25
C TYR D 60 -23.55 11.09 -15.07
N THR D 61 -24.53 11.47 -15.92
CA THR D 61 -25.85 10.81 -15.91
C THR D 61 -25.77 9.30 -15.75
N GLY D 62 -26.49 8.81 -14.73
CA GLY D 62 -26.63 7.40 -14.45
C GLY D 62 -25.60 6.82 -13.51
N VAL D 63 -24.59 7.59 -13.13
CA VAL D 63 -23.53 7.06 -12.26
C VAL D 63 -24.03 7.09 -10.81
N PRO D 64 -23.86 5.99 -10.07
CA PRO D 64 -24.37 5.93 -8.68
C PRO D 64 -23.71 6.96 -7.77
N ASP D 65 -24.48 7.40 -6.77
CA ASP D 65 -24.03 8.41 -5.81
C ASP D 65 -22.76 8.01 -5.06
N ARG D 66 -22.40 6.73 -5.04
CA ARG D 66 -21.22 6.32 -4.28
C ARG D 66 -19.91 6.65 -4.99
N PHE D 67 -19.95 7.10 -6.24
CA PHE D 67 -18.78 7.61 -6.95
C PHE D 67 -18.73 9.13 -6.82
N THR D 68 -17.63 9.66 -6.28
CA THR D 68 -17.43 11.10 -6.19
C THR D 68 -16.04 11.46 -6.70
N GLY D 69 -15.97 12.47 -7.55
CA GLY D 69 -14.69 12.97 -8.01
C GLY D 69 -14.36 14.28 -7.31
N SER D 70 -13.07 14.50 -7.06
CA SER D 70 -12.66 15.78 -6.51
C SER D 70 -11.23 16.10 -6.94
N GLY D 71 -10.85 17.33 -6.66
CA GLY D 71 -9.51 17.81 -6.92
C GLY D 71 -9.49 18.94 -7.92
N SER D 72 -8.31 19.52 -8.06
CA SER D 72 -8.05 20.56 -9.03
C SER D 72 -6.55 20.66 -9.22
N ALA D 73 -6.14 21.46 -10.22
CA ALA D 73 -4.74 21.71 -10.49
C ALA D 73 -4.00 20.42 -10.85
N THR D 74 -3.33 19.80 -9.88
CA THR D 74 -2.54 18.60 -10.18
C THR D 74 -2.93 17.35 -9.38
N ASP D 75 -3.85 17.43 -8.44
CA ASP D 75 -4.17 16.28 -7.59
C ASP D 75 -5.65 15.97 -7.70
N PHE D 76 -5.96 14.74 -8.09
CA PHE D 76 -7.34 14.36 -8.35
C PHE D 76 -7.61 13.01 -7.71
N THR D 77 -8.85 12.85 -7.24
CA THR D 77 -9.23 11.68 -6.48
C THR D 77 -10.59 11.20 -6.95
N LEU D 78 -10.72 9.89 -7.13
CA LEU D 78 -12.00 9.24 -7.32
C LEU D 78 -12.28 8.45 -6.05
N THR D 79 -13.40 8.71 -5.41
CA THR D 79 -13.77 7.98 -4.20
C THR D 79 -14.97 7.10 -4.48
N ILE D 80 -14.91 5.87 -3.98
CA ILE D 80 -16.06 4.99 -3.92
C ILE D 80 -16.40 4.81 -2.45
N SER D 81 -17.51 5.40 -2.02
CA SER D 81 -17.83 5.47 -0.60
C SER D 81 -18.01 4.09 0.01
N SER D 82 -18.70 3.18 -0.69
CA SER D 82 -18.77 1.79 -0.25
C SER D 82 -18.72 0.88 -1.47
N VAL D 83 -17.64 0.15 -1.65
CA VAL D 83 -17.43 -0.57 -2.89
C VAL D 83 -18.33 -1.81 -2.96
N GLN D 84 -18.86 -2.08 -4.15
CA GLN D 84 -19.71 -3.23 -4.47
C GLN D 84 -19.06 -4.11 -5.54
N ALA D 85 -19.65 -5.30 -5.71
CA ALA D 85 -19.20 -6.28 -6.68
C ALA D 85 -19.35 -5.81 -8.12
N GLU D 86 -20.19 -4.79 -8.38
CA GLU D 86 -20.24 -4.26 -9.74
C GLU D 86 -18.87 -3.77 -10.11
N ASP D 87 -18.23 -3.12 -9.14
CA ASP D 87 -17.18 -2.13 -9.32
C ASP D 87 -15.86 -2.73 -9.67
N LEU D 88 -15.76 -4.04 -9.64
CA LEU D 88 -14.60 -4.71 -10.19
C LEU D 88 -14.34 -4.20 -11.60
N ALA D 89 -13.18 -3.57 -11.81
CA ALA D 89 -12.95 -2.88 -13.08
C ALA D 89 -11.57 -2.27 -13.05
N ASP D 90 -11.15 -1.80 -14.23
CA ASP D 90 -10.03 -0.87 -14.35
C ASP D 90 -10.56 0.56 -14.39
N TYR D 91 -9.91 1.44 -13.65
CA TYR D 91 -10.33 2.83 -13.57
C TYR D 91 -9.25 3.69 -14.20
N HIS D 92 -9.66 4.59 -15.10
CA HIS D 92 -8.77 5.42 -15.88
C HIS D 92 -9.04 6.90 -15.64
N CYS D 93 -7.98 7.70 -15.43
N CYS D 93 -7.98 7.68 -15.53
CA CYS D 93 -8.11 9.15 -15.37
CA CYS D 93 -8.09 9.11 -15.41
C CYS D 93 -7.57 9.75 -16.66
C CYS D 93 -7.53 9.78 -16.65
N GLY D 94 -8.15 10.87 -17.06
CA GLY D 94 -7.67 11.57 -18.24
C GLY D 94 -7.81 13.07 -18.10
N GLN D 95 -6.91 13.80 -18.76
CA GLN D 95 -7.00 15.26 -18.84
C GLN D 95 -7.38 15.65 -20.26
N THR D 96 -8.26 16.65 -20.36
CA THR D 96 -8.66 17.25 -21.62
C THR D 96 -8.42 18.75 -21.60
N TYR D 97 -7.43 19.15 -20.81
CA TYR D 97 -7.09 20.57 -20.68
C TYR D 97 -6.35 21.08 -21.91
N THR D 98 -5.40 20.32 -22.43
CA THR D 98 -4.62 20.80 -23.57
C THR D 98 -4.16 19.63 -24.42
N TYR D 99 -3.93 19.91 -25.70
CA TYR D 99 -3.47 18.90 -26.64
C TYR D 99 -2.01 18.53 -26.35
N PRO D 100 -1.65 17.24 -26.47
CA PRO D 100 -2.60 16.15 -26.73
C PRO D 100 -3.33 15.72 -25.47
N PHE D 101 -4.61 15.40 -25.55
CA PHE D 101 -5.27 14.82 -24.40
C PHE D 101 -4.55 13.53 -24.02
N THR D 102 -4.44 13.26 -22.72
CA THR D 102 -3.68 12.11 -22.21
C THR D 102 -4.46 11.42 -21.09
N PHE D 103 -4.05 10.20 -20.79
CA PHE D 103 -4.71 9.38 -19.78
C PHE D 103 -3.65 8.77 -18.87
N GLY D 104 -4.06 8.43 -17.65
CA GLY D 104 -3.23 7.61 -16.79
C GLY D 104 -3.13 6.18 -17.32
N SER D 105 -2.33 5.37 -16.62
CA SER D 105 -2.14 3.97 -16.99
C SER D 105 -3.25 3.05 -16.49
N GLY D 106 -4.12 3.53 -15.63
CA GLY D 106 -5.22 2.75 -15.10
C GLY D 106 -4.90 2.20 -13.72
N THR D 107 -5.95 1.98 -12.93
CA THR D 107 -5.89 1.30 -11.64
C THR D 107 -6.85 0.13 -11.71
N LYS D 108 -6.36 -1.08 -11.42
CA LYS D 108 -7.20 -2.26 -11.41
C LYS D 108 -7.74 -2.48 -10.01
N LEU D 109 -9.06 -2.46 -9.87
CA LEU D 109 -9.72 -2.68 -8.60
C LEU D 109 -10.21 -4.13 -8.58
N GLU D 110 -9.72 -4.92 -7.64
CA GLU D 110 -10.16 -6.29 -7.46
C GLU D 110 -10.75 -6.40 -6.07
N LEU D 111 -11.65 -7.36 -5.90
CA LEU D 111 -12.35 -7.51 -4.63
C LEU D 111 -11.81 -8.68 -3.82
N LYS D 112 -11.93 -8.55 -2.50
CA LYS D 112 -11.58 -9.58 -1.55
C LYS D 112 -12.80 -10.41 -1.21
N ARG D 113 -12.57 -11.69 -0.93
CA ARG D 113 -13.64 -12.57 -0.47
C ARG D 113 -13.03 -13.67 0.37
N THR D 114 -13.89 -14.51 0.93
CA THR D 114 -13.41 -15.68 1.67
C THR D 114 -12.76 -16.70 0.73
N VAL D 115 -11.79 -17.43 1.27
CA VAL D 115 -11.11 -18.48 0.51
C VAL D 115 -12.12 -19.49 -0.03
N ALA D 116 -11.98 -19.84 -1.31
CA ALA D 116 -12.83 -20.80 -1.98
C ALA D 116 -11.96 -21.75 -2.78
N ALA D 117 -12.03 -23.02 -2.48
CA ALA D 117 -11.18 -23.95 -3.21
C ALA D 117 -11.76 -24.23 -4.60
N PRO D 118 -10.93 -24.61 -5.57
CA PRO D 118 -11.45 -24.91 -6.90
C PRO D 118 -12.12 -26.28 -6.98
N SER D 119 -13.16 -26.35 -7.81
CA SER D 119 -13.59 -27.63 -8.36
C SER D 119 -12.69 -27.93 -9.55
N VAL D 120 -12.19 -29.17 -9.62
CA VAL D 120 -11.24 -29.56 -10.64
C VAL D 120 -11.89 -30.58 -11.56
N PHE D 121 -11.75 -30.37 -12.86
CA PHE D 121 -12.25 -31.26 -13.90
C PHE D 121 -11.12 -31.49 -14.89
N ILE D 122 -11.08 -32.69 -15.48
CA ILE D 122 -10.07 -33.03 -16.47
C ILE D 122 -10.76 -33.53 -17.73
N PHE D 123 -10.21 -33.13 -18.88
CA PHE D 123 -10.79 -33.43 -20.18
C PHE D 123 -9.79 -34.16 -21.05
N PRO D 124 -10.07 -35.39 -21.46
CA PRO D 124 -9.22 -36.07 -22.42
C PRO D 124 -9.32 -35.42 -23.80
N PRO D 125 -8.38 -35.72 -24.69
CA PRO D 125 -8.48 -35.18 -26.06
C PRO D 125 -9.69 -35.73 -26.80
N SER D 126 -10.34 -34.85 -27.56
CA SER D 126 -11.34 -35.28 -28.52
C SER D 126 -10.76 -36.26 -29.53
N ASP D 127 -11.63 -37.12 -30.06
CA ASP D 127 -11.19 -38.03 -31.11
C ASP D 127 -10.90 -37.27 -32.40
N GLU D 128 -11.63 -36.18 -32.64
CA GLU D 128 -11.35 -35.39 -33.83
C GLU D 128 -9.97 -34.77 -33.78
N GLN D 129 -9.54 -34.25 -32.63
CA GLN D 129 -8.21 -33.66 -32.57
C GLN D 129 -7.15 -34.73 -32.70
N LEU D 130 -7.33 -35.85 -31.98
CA LEU D 130 -6.37 -36.94 -32.10
C LEU D 130 -6.16 -37.34 -33.55
N LYS D 131 -7.25 -37.38 -34.31
CA LYS D 131 -7.09 -37.79 -35.71
C LYS D 131 -6.36 -36.72 -36.53
N SER D 132 -6.34 -35.48 -36.05
CA SER D 132 -5.58 -34.43 -36.71
C SER D 132 -4.10 -34.51 -36.39
N GLY D 133 -3.70 -35.33 -35.42
CA GLY D 133 -2.30 -35.56 -35.12
C GLY D 133 -1.80 -35.02 -33.79
N THR D 134 -2.64 -34.38 -32.98
CA THR D 134 -2.18 -33.87 -31.68
C THR D 134 -3.24 -34.17 -30.62
N ALA D 135 -2.82 -34.05 -29.36
CA ALA D 135 -3.68 -34.35 -28.24
C ALA D 135 -3.53 -33.22 -27.21
N SER D 136 -4.63 -32.53 -26.94
CA SER D 136 -4.65 -31.56 -25.85
C SER D 136 -5.47 -32.14 -24.71
N VAL D 137 -4.89 -32.13 -23.52
CA VAL D 137 -5.55 -32.56 -22.30
C VAL D 137 -5.76 -31.29 -21.47
N VAL D 138 -6.98 -31.09 -21.00
CA VAL D 138 -7.35 -29.84 -20.34
C VAL D 138 -7.70 -30.14 -18.91
N CYS D 139 -7.15 -29.35 -18.01
CA CYS D 139 -7.45 -29.39 -16.60
C CYS D 139 -8.05 -28.05 -16.23
N LEU D 140 -9.24 -28.09 -15.63
CA LEU D 140 -10.02 -26.91 -15.32
C LEU D 140 -10.10 -26.75 -13.82
N LEU D 141 -9.80 -25.55 -13.34
CA LEU D 141 -9.96 -25.16 -11.95
C LEU D 141 -11.05 -24.10 -11.91
N ASN D 142 -12.18 -24.42 -11.27
CA ASN D 142 -13.36 -23.58 -11.38
C ASN D 142 -13.66 -22.86 -10.07
N ASN D 143 -13.86 -21.54 -10.18
CA ASN D 143 -14.46 -20.69 -9.15
C ASN D 143 -13.71 -20.79 -7.82
N PHE D 144 -12.47 -20.34 -7.83
CA PHE D 144 -11.65 -20.33 -6.63
C PHE D 144 -11.16 -18.94 -6.28
N TYR D 145 -10.64 -18.81 -5.06
CA TYR D 145 -10.06 -17.57 -4.52
C TYR D 145 -9.18 -17.93 -3.35
N PRO D 146 -7.97 -17.36 -3.24
CA PRO D 146 -7.40 -16.32 -4.12
C PRO D 146 -6.95 -16.85 -5.48
N ARG D 147 -6.32 -15.99 -6.30
CA ARG D 147 -5.93 -16.35 -7.67
C ARG D 147 -4.78 -17.34 -7.72
N GLU D 148 -3.93 -17.37 -6.71
CA GLU D 148 -2.73 -18.20 -6.76
C GLU D 148 -3.10 -19.69 -6.71
N ALA D 149 -2.55 -20.47 -7.63
CA ALA D 149 -2.85 -21.89 -7.68
C ALA D 149 -1.69 -22.59 -8.37
N LYS D 150 -1.47 -23.85 -7.99
CA LYS D 150 -0.41 -24.67 -8.54
C LYS D 150 -1.03 -25.88 -9.23
N VAL D 151 -0.67 -26.07 -10.50
CA VAL D 151 -1.13 -27.19 -11.30
C VAL D 151 0.08 -27.94 -11.82
N GLN D 152 0.13 -29.24 -11.57
CA GLN D 152 1.25 -30.06 -12.02
C GLN D 152 0.69 -31.19 -12.87
N TRP D 153 1.30 -31.40 -14.03
CA TRP D 153 0.93 -32.49 -14.89
C TRP D 153 1.85 -33.66 -14.62
N LYS D 154 1.29 -34.87 -14.57
CA LYS D 154 2.06 -36.10 -14.46
C LYS D 154 1.51 -37.08 -15.48
N VAL D 155 2.41 -37.65 -16.27
CA VAL D 155 2.07 -38.63 -17.29
C VAL D 155 2.76 -39.93 -16.93
N ASP D 156 1.99 -40.97 -16.67
CA ASP D 156 2.53 -42.25 -16.18
C ASP D 156 3.49 -42.02 -15.03
N ASN D 157 3.05 -41.22 -14.06
CA ASN D 157 3.78 -40.84 -12.86
C ASN D 157 5.02 -40.00 -13.16
N ALA D 158 5.27 -39.66 -14.42
CA ALA D 158 6.38 -38.80 -14.80
C ALA D 158 5.93 -37.35 -14.83
N LEU D 159 6.53 -36.51 -13.98
CA LEU D 159 6.13 -35.12 -13.90
C LEU D 159 6.54 -34.35 -15.15
N GLN D 160 5.62 -33.53 -15.67
CA GLN D 160 5.81 -32.80 -16.91
C GLN D 160 6.33 -31.40 -16.67
N SER D 161 7.07 -30.89 -17.65
CA SER D 161 7.46 -29.48 -17.62
C SER D 161 7.66 -28.98 -19.04
N GLY D 162 7.33 -27.72 -19.27
CA GLY D 162 7.59 -27.11 -20.56
C GLY D 162 6.62 -27.46 -21.66
N ASN D 163 5.60 -28.30 -21.41
CA ASN D 163 4.66 -28.68 -22.46
C ASN D 163 3.21 -28.37 -22.09
N SER D 164 2.97 -27.44 -21.18
CA SER D 164 1.61 -27.01 -20.89
C SER D 164 1.56 -25.50 -20.85
N GLN D 165 0.34 -24.96 -21.02
CA GLN D 165 0.10 -23.53 -20.90
C GLN D 165 -1.18 -23.31 -20.11
N GLU D 166 -1.22 -22.20 -19.38
CA GLU D 166 -2.33 -21.88 -18.49
C GLU D 166 -2.93 -20.53 -18.87
N SER D 167 -4.22 -20.38 -18.62
CA SER D 167 -4.85 -19.08 -18.71
C SER D 167 -5.84 -18.99 -17.55
N VAL D 168 -6.03 -17.76 -17.06
CA VAL D 168 -6.85 -17.45 -15.90
C VAL D 168 -7.83 -16.37 -16.31
N THR D 169 -9.10 -16.53 -15.91
CA THR D 169 -10.08 -15.50 -16.19
C THR D 169 -9.84 -14.28 -15.32
N GLU D 170 -10.41 -13.17 -15.77
CA GLU D 170 -10.59 -12.02 -14.90
C GLU D 170 -11.53 -12.41 -13.76
N GLN D 171 -11.44 -11.66 -12.67
CA GLN D 171 -12.28 -11.95 -11.51
C GLN D 171 -13.75 -11.83 -11.87
N ASP D 172 -14.56 -12.76 -11.37
CA ASP D 172 -15.99 -12.75 -11.68
C ASP D 172 -16.70 -11.70 -10.84
N SER D 173 -17.56 -10.91 -11.48
CA SER D 173 -18.24 -9.82 -10.79
C SER D 173 -19.38 -10.28 -9.89
N LYS D 174 -19.80 -11.56 -9.98
CA LYS D 174 -20.93 -12.04 -9.18
C LYS D 174 -20.53 -12.93 -8.01
N ASP D 175 -19.32 -13.49 -7.98
CA ASP D 175 -18.86 -14.18 -6.78
C ASP D 175 -17.40 -13.89 -6.45
N SER D 176 -16.75 -12.99 -7.18
CA SER D 176 -15.37 -12.57 -6.92
C SER D 176 -14.38 -13.73 -6.97
N THR D 177 -14.65 -14.73 -7.80
CA THR D 177 -13.76 -15.88 -7.94
C THR D 177 -13.02 -15.83 -9.26
N TYR D 178 -12.02 -16.71 -9.38
CA TYR D 178 -11.26 -16.92 -10.58
C TYR D 178 -11.48 -18.32 -11.10
N SER D 179 -11.20 -18.54 -12.37
CA SER D 179 -11.07 -19.87 -12.90
C SER D 179 -9.82 -19.94 -13.76
N LEU D 180 -9.30 -21.15 -13.93
CA LEU D 180 -8.02 -21.36 -14.58
C LEU D 180 -8.13 -22.61 -15.43
N SER D 181 -7.57 -22.54 -16.62
CA SER D 181 -7.45 -23.69 -17.51
C SER D 181 -5.97 -23.93 -17.76
N SER D 182 -5.54 -25.16 -17.57
CA SER D 182 -4.21 -25.62 -17.93
C SER D 182 -4.35 -26.65 -19.04
N THR D 183 -3.61 -26.47 -20.13
CA THR D 183 -3.69 -27.33 -21.30
C THR D 183 -2.35 -28.00 -21.55
N LEU D 184 -2.34 -29.32 -21.52
CA LEU D 184 -1.17 -30.12 -21.84
C LEU D 184 -1.31 -30.64 -23.26
N THR D 185 -0.35 -30.33 -24.13
CA THR D 185 -0.43 -30.72 -25.52
C THR D 185 0.71 -31.68 -25.84
N LEU D 186 0.38 -32.80 -26.47
CA LEU D 186 1.34 -33.80 -26.90
C LEU D 186 1.03 -34.17 -28.34
N SER D 187 2.03 -34.72 -29.04
CA SER D 187 1.76 -35.37 -30.30
C SER D 187 0.85 -36.58 -30.10
N LYS D 188 0.13 -36.98 -31.15
CA LYS D 188 -0.69 -38.17 -31.02
C LYS D 188 0.15 -39.40 -30.73
N ALA D 189 1.30 -39.52 -31.39
CA ALA D 189 2.21 -40.64 -31.13
C ALA D 189 2.64 -40.66 -29.67
N ASP D 190 2.94 -39.48 -29.13
CA ASP D 190 3.37 -39.40 -27.73
C ASP D 190 2.22 -39.74 -26.80
N TYR D 191 1.03 -39.21 -27.10
CA TYR D 191 -0.14 -39.45 -26.26
C TYR D 191 -0.46 -40.94 -26.15
N GLU D 192 -0.41 -41.66 -27.27
CA GLU D 192 -0.76 -43.07 -27.32
C GLU D 192 0.35 -43.97 -26.77
N LYS D 193 1.48 -43.38 -26.45
CA LYS D 193 2.64 -44.09 -25.97
C LYS D 193 2.66 -44.12 -24.44
N HIS D 194 1.62 -43.55 -23.81
CA HIS D 194 1.51 -43.47 -22.36
C HIS D 194 0.07 -43.81 -21.96
N LYS D 195 -0.14 -44.06 -20.67
CA LYS D 195 -1.43 -44.55 -20.18
C LYS D 195 -2.17 -43.57 -19.28
N VAL D 196 -1.52 -43.11 -18.20
CA VAL D 196 -2.19 -42.34 -17.16
C VAL D 196 -1.83 -40.87 -17.34
N TYR D 197 -2.86 -40.02 -17.40
CA TYR D 197 -2.69 -38.58 -17.46
C TYR D 197 -3.37 -38.00 -16.23
N ALA D 198 -2.62 -37.25 -15.45
CA ALA D 198 -3.14 -36.76 -14.19
C ALA D 198 -2.81 -35.29 -14.02
N CYS D 199 -3.80 -34.54 -13.52
N CYS D 199 -3.75 -34.55 -13.47
CA CYS D 199 -3.66 -33.15 -13.10
CA CYS D 199 -3.52 -33.16 -13.12
C CYS D 199 -3.60 -33.13 -11.58
C CYS D 199 -3.64 -33.02 -11.61
N GLU D 200 -2.65 -32.38 -11.01
CA GLU D 200 -2.55 -32.24 -9.56
C GLU D 200 -2.58 -30.77 -9.18
N VAL D 201 -3.51 -30.41 -8.29
CA VAL D 201 -3.81 -29.02 -7.97
C VAL D 201 -3.49 -28.75 -6.51
N THR D 202 -2.72 -27.69 -6.27
CA THR D 202 -2.42 -27.17 -4.96
C THR D 202 -3.08 -25.81 -4.81
N HIS D 203 -3.80 -25.61 -3.72
CA HIS D 203 -4.48 -24.34 -3.51
C HIS D 203 -4.69 -24.13 -2.01
N GLN D 204 -4.62 -22.86 -1.61
CA GLN D 204 -4.82 -22.45 -0.23
C GLN D 204 -6.08 -23.05 0.38
N GLY D 205 -7.12 -23.22 -0.42
CA GLY D 205 -8.37 -23.78 0.05
C GLY D 205 -8.41 -25.27 0.17
N LEU D 206 -7.31 -25.97 -0.06
CA LEU D 206 -7.30 -27.43 -0.05
C LEU D 206 -6.44 -27.95 1.09
N SER D 207 -7.02 -28.81 1.92
CA SER D 207 -6.26 -29.62 2.86
C SER D 207 -5.12 -30.36 2.16
N SER D 208 -5.47 -31.22 1.21
CA SER D 208 -4.52 -32.03 0.47
C SER D 208 -4.60 -31.71 -1.03
N PRO D 209 -3.52 -31.92 -1.79
CA PRO D 209 -3.60 -31.74 -3.24
C PRO D 209 -4.67 -32.62 -3.85
N VAL D 210 -5.40 -32.07 -4.82
CA VAL D 210 -6.42 -32.81 -5.54
C VAL D 210 -5.83 -33.33 -6.84
N THR D 211 -6.14 -34.59 -7.15
CA THR D 211 -5.72 -35.20 -8.40
C THR D 211 -6.95 -35.64 -9.19
N LYS D 212 -6.93 -35.36 -10.48
CA LYS D 212 -7.89 -35.88 -11.42
C LYS D 212 -7.10 -36.61 -12.50
N SER D 213 -7.57 -37.81 -12.87
CA SER D 213 -6.80 -38.68 -13.75
C SER D 213 -7.73 -39.42 -14.69
N PHE D 214 -7.18 -39.90 -15.80
CA PHE D 214 -7.88 -40.86 -16.64
C PHE D 214 -6.86 -41.79 -17.29
N ASN D 215 -7.36 -42.85 -17.89
CA ASN D 215 -6.55 -43.76 -18.68
C ASN D 215 -7.16 -43.90 -20.05
N ARG D 216 -6.37 -43.66 -21.10
CA ARG D 216 -6.86 -43.83 -22.46
C ARG D 216 -7.18 -45.30 -22.75
C2 BGC E . -14.57 28.87 16.11
C3 BGC E . -14.25 30.35 16.01
C4 BGC E . -12.81 30.57 15.55
C5 BGC E . -12.54 29.75 14.30
C6 BGC E . -11.07 29.84 13.90
C1 BGC E . -14.24 28.20 14.79
O2 BGC E . -15.94 28.73 16.36
O3 BGC E . -14.44 30.95 17.30
O4 BGC E . -12.63 31.96 15.24
O5 BGC E . -12.83 28.38 14.53
O6 BGC E . -10.86 28.93 12.83
C1 GAL E . -12.03 32.67 16.25
C2 GAL E . -11.49 33.77 15.33
C3 GAL E . -10.76 34.83 16.14
C4 GAL E . -11.69 35.38 17.24
C5 GAL E . -12.27 34.21 18.04
C6 GAL E . -13.35 34.60 19.04
O2 GAL E . -10.56 33.28 14.44
O3 GAL E . -10.41 35.92 15.31
O4 GAL E . -12.74 36.08 16.63
O5 GAL E . -12.90 33.23 17.19
O6 GAL E . -13.79 33.49 19.79
C1 SIA E . -8.45 36.44 16.72
C2 SIA E . -9.13 36.43 15.28
C3 SIA E . -9.19 37.77 14.51
C4 SIA E . -7.85 38.15 13.90
C5 SIA E . -7.31 37.02 13.03
C6 SIA E . -7.20 35.77 13.92
C7 SIA E . -6.66 34.48 13.24
C8 SIA E . -6.79 33.27 14.20
C9 SIA E . -6.18 31.99 13.63
C10 SIA E . -5.77 37.29 11.09
C11 SIA E . -4.31 37.40 10.64
N5 SIA E . -5.97 37.19 12.44
O1A SIA E . -7.56 35.52 16.90
O1B SIA E . -8.82 37.32 17.53
O4 SIA E . -8.00 39.30 13.06
O6 SIA E . -8.48 35.44 14.41
O7 SIA E . -7.36 34.24 12.03
O8 SIA E . -6.21 33.57 15.47
O9 SIA E . -4.76 32.14 13.67
O10 SIA E . -6.70 37.31 10.29
C2 BGC F . -9.52 22.91 -27.23
C3 BGC F . -10.59 23.45 -28.13
C4 BGC F . -11.81 22.57 -28.13
C5 BGC F . -12.22 22.25 -26.69
C6 BGC F . -13.39 21.27 -26.67
C1 BGC F . -10.11 22.67 -25.88
O2 BGC F . -8.51 23.90 -27.12
O3 BGC F . -10.10 23.55 -29.46
O4 BGC F . -12.86 23.32 -28.76
O5 BGC F . -11.13 21.66 -25.98
O6 BGC F . -13.58 20.88 -25.31
C1 GAL F . -13.40 22.93 -29.95
C2 GAL F . -14.85 23.35 -30.11
C3 GAL F . -15.30 23.10 -31.54
C4 GAL F . -14.36 23.83 -32.50
C5 GAL F . -12.90 23.45 -32.18
C6 GAL F . -11.85 24.23 -32.95
O2 GAL F . -15.73 22.62 -29.24
O3 GAL F . -16.58 23.64 -31.70
O4 GAL F . -14.54 25.25 -32.36
O5 GAL F . -12.57 23.65 -30.81
O6 GAL F . -12.10 24.21 -34.32
C1 SIA F . -17.29 21.87 -33.13
C2 SIA F . -17.67 22.84 -31.92
C3 SIA F . -18.87 23.79 -32.16
C4 SIA F . -20.23 23.13 -31.98
C5 SIA F . -20.30 22.41 -30.63
C6 SIA F . -19.18 21.36 -30.65
C7 SIA F . -19.09 20.50 -29.37
C8 SIA F . -17.76 19.71 -29.31
C9 SIA F . -17.76 18.73 -28.13
C10 SIA F . -22.56 22.23 -29.66
C11 SIA F . -23.85 21.40 -29.61
N5 SIA F . -21.57 21.74 -30.46
O1A SIA F . -17.18 22.36 -34.29
O1B SIA F . -17.13 20.67 -32.80
O4 SIA F . -21.30 24.10 -32.05
O6 SIA F . -17.95 22.07 -30.70
O7 SIA F . -19.24 21.32 -28.22
O8 SIA F . -17.51 19.06 -30.56
O9 SIA F . -18.47 17.56 -28.50
O10 SIA F . -22.46 23.26 -28.99
C1 GOL G . 7.70 22.06 34.93
O1 GOL G . 8.89 22.32 34.25
C2 GOL G . 7.05 23.43 35.18
O2 GOL G . 6.57 23.96 34.00
C3 GOL G . 5.94 23.15 36.21
O3 GOL G . 5.16 24.31 36.28
C1 GOL H . -4.49 27.92 38.35
O1 GOL H . -3.83 29.14 38.46
C2 GOL H . -5.48 28.07 37.16
O2 GOL H . -5.71 26.84 36.57
C3 GOL H . -6.76 28.68 37.75
O3 GOL H . -7.73 27.68 37.77
C1 GOL I . 6.86 16.85 7.26
O1 GOL I . 6.75 18.18 6.83
C2 GOL I . 7.86 16.13 6.32
O2 GOL I . 8.71 15.29 7.04
C3 GOL I . 6.99 15.32 5.29
O3 GOL I . 7.86 14.38 4.68
C7 SL9 J . -14.61 26.09 13.01
O7 SL9 J . -22.56 27.28 17.65
C8 SL9 J . -15.91 26.55 12.27
C13 SL9 J . -22.29 27.93 15.34
N SL9 J . -22.06 25.64 16.16
CA SL9 J . -21.77 25.23 14.77
C SL9 J . -22.82 24.22 14.25
O SL9 J . -23.00 23.14 14.81
CB SL9 J . -20.35 24.66 14.71
CG SL9 J . -19.36 25.70 14.20
CD SL9 J . -19.61 25.92 12.71
CE SL9 J . -18.36 26.35 11.91
NZ SL9 J . -17.09 25.93 12.54
C12 SL9 J . -22.32 26.92 16.50
N2 SL9 J . -23.48 24.62 13.18
N4 SL9 J . -15.81 27.49 11.34
S1 SL9 J . -14.71 26.47 14.82
C1 GOL K . -8.22 -2.67 -41.48
O1 GOL K . -7.62 -1.41 -41.61
C2 GOL K . -8.87 -2.70 -40.10
O2 GOL K . -10.20 -2.33 -40.14
C3 GOL K . -8.62 -4.18 -39.60
O3 GOL K . -9.82 -4.88 -39.66
C7 SL9 L . -9.92 22.37 -23.22
O7 SL9 L . -4.67 25.84 -27.03
C8 SL9 L . -9.90 23.80 -22.62
C13 SL9 L . -3.99 27.99 -26.16
N SL9 L . -4.44 26.03 -24.77
CA SL9 L . -4.11 26.90 -23.62
C SL9 L . -2.90 26.31 -22.88
O SL9 L . -2.22 25.43 -23.38
CB SL9 L . -5.30 27.07 -22.65
CG SL9 L . -6.25 25.87 -22.54
CD SL9 L . -7.64 26.49 -22.29
CE SL9 L . -8.65 25.60 -21.52
NZ SL9 L . -8.76 24.26 -22.09
C12 SL9 L . -4.40 26.51 -26.03
N2 SL9 L . -2.67 26.88 -21.68
N4 SL9 L . -11.02 24.50 -22.60
S1 SL9 L . -8.88 22.15 -24.74
#